data_6KU2
#
_entry.id   6KU2
#
_cell.length_a   62.683
_cell.length_b   88.240
_cell.length_c   90.771
_cell.angle_alpha   90.000
_cell.angle_beta   90.350
_cell.angle_gamma   90.000
#
_symmetry.space_group_name_H-M   'P 1 21 1'
#
loop_
_entity.id
_entity.type
_entity.pdbx_description
1 polymer Sulfurtransferase
2 non-polymer [(2S)-3-[(2S)-2-(disulfanyl)-2,3-dihydro-1H-imidazol-4-yl]-1-oxidanyl-1-oxidanylidene-propan-2-yl]-trimethyl-azanium
3 non-polymer 'MAGNESIUM ION'
4 non-polymer 'CHLORIDE ION'
5 non-polymer GLYCEROL
6 non-polymer IMIDAZOLE
7 non-polymer 'ZINC ION'
8 non-polymer 'BROMIDE ION'
9 non-polymer DI(HYDROXYETHYL)ETHER
10 non-polymer 1,2-ETHANEDIOL
11 water water
#
_entity_poly.entity_id   1
_entity_poly.type   'polypeptide(L)'
_entity_poly.pdbx_seq_one_letter_code
;GSEFQNKNFRAPQSEAIGILYKLIETGSKHKNMYDHTEITTDSLLALLGSEKVKIIDVRSADAYNGWRMRGEVRGGHIKG
AKSLPAKWLTDPEWLNIVRFKQIRPEDAIVLYGYTPEECEQTATRFKENGYNNVSVFHRFHPDWTGNDAFPMDRLEQYNR
LVPAEWVNGLISGEEIPEYDNDTFIVCHAHYRNRDAYLSGHIPGATDMDTLALESPETWNRRTPEELKKALEEHGITAST
TVVLYGKFMHPDNADEFPGSAAGHIGAIRLAFIMMYAGVEDVRVLNGGYQSWTDAGFAISKDDVPKTTVPEFGAPIPSRP
EFAVDIDEAKEMLQSEDSDLVCVRSYPEYIGEVSGANYIKKKGRIPGAIFAECGSDAYHMENYRNHDHTTREYHEIEDIW
AKSGIIPKKHLAFYCGTGWRGSEAWFNALLMGWPRVSVYDGGWFEWSNDPENPYETGVPK
;
_entity_poly.pdbx_strand_id   A,E
#
loop_
_chem_comp.id
_chem_comp.type
_chem_comp.name
_chem_comp.formula
BR non-polymer 'BROMIDE ION' 'Br -1'
CL non-polymer 'CHLORIDE ION' 'Cl -1'
DV6 non-polymer [(2S)-3-[(2S)-2-(disulfanyl)-2,3-dihydro-1H-imidazol-4-yl]-1-oxidanyl-1-oxidanylidene-propan-2-yl]-trimethyl-azanium 'C9 H18 N3 O2 S2 1'
EDO non-polymer 1,2-ETHANEDIOL 'C2 H6 O2'
GOL non-polymer GLYCEROL 'C3 H8 O3'
IMD non-polymer IMIDAZOLE 'C3 H5 N2 1'
MG non-polymer 'MAGNESIUM ION' 'Mg 2'
PEG non-polymer DI(HYDROXYETHYL)ETHER 'C4 H10 O3'
ZN non-polymer 'ZINC ION' 'Zn 2'
#
# COMPACT_ATOMS: atom_id res chain seq x y z
N ASP A 35 18.76 9.33 -15.27
CA ASP A 35 19.08 9.85 -16.63
C ASP A 35 18.57 8.92 -17.78
N HIS A 36 17.46 9.33 -18.43
CA HIS A 36 16.66 8.49 -19.39
C HIS A 36 16.96 8.78 -20.86
N THR A 37 16.92 7.73 -21.69
CA THR A 37 17.11 7.88 -23.13
C THR A 37 15.99 8.76 -23.74
N GLU A 38 16.34 9.56 -24.73
CA GLU A 38 15.38 10.37 -25.45
C GLU A 38 15.09 9.72 -26.82
N ILE A 39 13.83 9.81 -27.24
CA ILE A 39 13.40 9.38 -28.57
C ILE A 39 12.93 10.61 -29.33
N THR A 40 13.33 10.73 -30.58
CA THR A 40 12.98 11.91 -31.38
C THR A 40 11.58 11.72 -31.98
N THR A 41 10.92 12.82 -32.30
CA THR A 41 9.64 12.82 -33.06
C THR A 41 9.63 11.87 -34.25
N ASP A 42 10.72 11.85 -35.01
CA ASP A 42 10.82 11.07 -36.26
C ASP A 42 10.99 9.60 -36.00
N SER A 43 11.84 9.23 -35.05
CA SER A 43 11.97 7.80 -34.72
C SER A 43 10.64 7.24 -34.19
N LEU A 44 9.89 8.06 -33.46
CA LEU A 44 8.66 7.63 -32.83
C LEU A 44 7.60 7.39 -33.88
N LEU A 45 7.49 8.34 -34.80
CA LEU A 45 6.57 8.21 -35.92
C LEU A 45 6.85 6.92 -36.72
N ALA A 46 8.11 6.61 -36.95
CA ALA A 46 8.42 5.40 -37.69
C ALA A 46 8.20 4.14 -36.84
N LEU A 47 7.85 4.28 -35.55
CA LEU A 47 7.64 3.09 -34.70
C LEU A 47 6.16 2.85 -34.31
N LEU A 48 5.21 3.54 -34.93
CA LEU A 48 3.84 3.51 -34.48
C LEU A 48 3.14 2.21 -34.71
N GLY A 49 3.61 1.41 -35.68
CA GLY A 49 3.02 0.10 -35.95
C GLY A 49 3.73 -1.08 -35.31
N SER A 50 4.81 -0.82 -34.55
CA SER A 50 5.69 -1.89 -34.03
C SER A 50 5.07 -2.54 -32.83
N GLU A 51 4.89 -3.83 -32.86
CA GLU A 51 4.26 -4.53 -31.71
C GLU A 51 5.11 -4.60 -30.44
N LYS A 52 6.43 -4.45 -30.60
CA LYS A 52 7.35 -4.48 -29.47
C LYS A 52 7.54 -3.12 -28.76
N VAL A 53 7.00 -2.03 -29.32
CA VAL A 53 7.04 -0.70 -28.70
C VAL A 53 5.74 -0.45 -27.96
N LYS A 54 5.78 -0.07 -26.70
CA LYS A 54 4.55 0.35 -26.00
C LYS A 54 4.72 1.81 -25.65
N ILE A 55 3.85 2.62 -26.23
CA ILE A 55 3.83 4.04 -26.04
C ILE A 55 2.79 4.37 -25.00
N ILE A 56 3.17 5.14 -23.99
CA ILE A 56 2.46 5.27 -22.73
C ILE A 56 2.34 6.73 -22.38
N ASP A 57 1.09 7.19 -22.36
CA ASP A 57 0.66 8.53 -22.08
C ASP A 57 0.46 8.60 -20.56
N VAL A 58 1.31 9.38 -19.88
CA VAL A 58 1.26 9.57 -18.41
C VAL A 58 0.38 10.72 -17.88
N ARG A 59 -0.36 11.37 -18.77
CA ARG A 59 -1.23 12.45 -18.40
C ARG A 59 -2.51 11.88 -17.80
N SER A 60 -3.37 12.75 -17.31
CA SER A 60 -4.64 12.30 -16.79
C SER A 60 -5.44 11.57 -17.87
N ALA A 61 -6.34 10.70 -17.43
CA ALA A 61 -7.16 9.89 -18.33
C ALA A 61 -8.06 10.79 -19.20
N ASP A 62 -8.45 11.92 -18.65
CA ASP A 62 -9.32 12.85 -19.39
C ASP A 62 -8.57 13.53 -20.54
N ALA A 63 -7.30 13.86 -20.32
CA ALA A 63 -6.46 14.40 -21.39
C ALA A 63 -6.28 13.30 -22.47
N TYR A 64 -5.97 12.09 -22.03
CA TYR A 64 -5.92 10.96 -22.96
C TYR A 64 -7.18 10.88 -23.78
N ASN A 65 -8.30 11.13 -23.14
CA ASN A 65 -9.54 10.91 -23.82
C ASN A 65 -9.86 11.93 -24.91
N GLY A 66 -9.25 13.10 -24.86
CA GLY A 66 -9.66 14.21 -25.74
C GLY A 66 -9.56 15.59 -25.12
N TRP A 67 -9.65 15.70 -23.79
CA TRP A 67 -9.71 17.01 -23.15
C TRP A 67 -8.44 17.78 -23.36
N ARG A 68 -8.61 19.00 -23.83
CA ARG A 68 -7.49 19.85 -24.23
C ARG A 68 -7.07 20.64 -22.98
N MET A 69 -6.46 19.94 -22.03
CA MET A 69 -6.28 20.47 -20.66
C MET A 69 -5.25 21.59 -20.59
N ARG A 70 -4.39 21.72 -21.58
CA ARG A 70 -3.40 22.80 -21.63
C ARG A 70 -3.70 23.78 -22.74
N GLY A 71 -4.89 23.75 -23.32
CA GLY A 71 -5.21 24.69 -24.39
C GLY A 71 -4.75 24.24 -25.77
N GLU A 72 -4.25 23.02 -25.88
CA GLU A 72 -3.76 22.47 -27.14
C GLU A 72 -4.89 22.41 -28.14
N VAL A 73 -4.54 22.59 -29.41
CA VAL A 73 -5.52 22.65 -30.45
C VAL A 73 -6.04 21.25 -30.77
N ARG A 74 -5.18 20.25 -30.82
CA ARG A 74 -5.61 18.88 -31.00
C ARG A 74 -5.33 18.16 -29.68
N GLY A 75 -6.38 17.64 -29.07
CA GLY A 75 -6.28 16.86 -27.85
C GLY A 75 -6.46 15.37 -28.09
N GLY A 76 -6.14 14.58 -27.08
CA GLY A 76 -6.19 13.10 -27.20
C GLY A 76 -4.80 12.55 -27.11
N HIS A 77 -4.55 11.36 -27.65
CA HIS A 77 -3.27 10.70 -27.45
C HIS A 77 -2.58 10.38 -28.75
N ILE A 78 -1.29 10.11 -28.66
CA ILE A 78 -0.54 9.59 -29.81
C ILE A 78 -1.23 8.31 -30.21
N LYS A 79 -1.55 8.19 -31.47
CA LYS A 79 -2.20 6.98 -31.98
C LYS A 79 -1.56 5.70 -31.51
N GLY A 80 -2.40 4.82 -30.95
CA GLY A 80 -1.95 3.56 -30.39
C GLY A 80 -1.34 3.64 -29.01
N ALA A 81 -1.26 4.82 -28.38
CA ALA A 81 -0.77 4.93 -27.01
C ALA A 81 -1.75 4.34 -25.98
N LYS A 82 -1.21 3.77 -24.93
CA LYS A 82 -1.98 3.31 -23.77
C LYS A 82 -1.96 4.42 -22.71
N SER A 83 -2.92 4.39 -21.78
CA SER A 83 -3.06 5.41 -20.73
C SER A 83 -2.55 4.82 -19.42
N LEU A 84 -1.58 5.50 -18.79
CA LEU A 84 -1.07 5.16 -17.46
C LEU A 84 -0.76 6.42 -16.72
N PRO A 85 -1.82 7.07 -16.22
CA PRO A 85 -1.64 8.29 -15.43
C PRO A 85 -0.54 8.19 -14.34
N ALA A 86 0.32 9.22 -14.36
CA ALA A 86 1.34 9.47 -13.37
C ALA A 86 0.74 9.50 -11.99
N LYS A 87 -0.45 10.09 -11.87
CA LYS A 87 -1.26 10.04 -10.63
C LYS A 87 -1.30 8.65 -9.96
N TRP A 88 -1.28 7.57 -10.76
CA TRP A 88 -1.42 6.22 -10.22
C TRP A 88 -0.14 5.66 -9.62
N LEU A 89 0.94 6.45 -9.65
CA LEU A 89 2.23 6.01 -9.10
C LEU A 89 2.19 5.73 -7.58
N THR A 90 1.32 6.41 -6.85
CA THR A 90 1.17 6.19 -5.43
C THR A 90 0.34 4.95 -5.05
N ASP A 91 -0.18 4.22 -6.03
CA ASP A 91 -1.06 3.10 -5.80
C ASP A 91 -0.18 1.91 -5.63
N PRO A 92 -0.35 1.16 -4.51
CA PRO A 92 0.45 -0.03 -4.24
C PRO A 92 0.42 -1.07 -5.32
N GLU A 93 -0.69 -1.18 -6.03
CA GLU A 93 -0.80 -2.20 -7.04
C GLU A 93 -0.34 -1.70 -8.41
N TRP A 94 0.37 -0.56 -8.44
CA TRP A 94 0.88 0.03 -9.70
C TRP A 94 1.43 -1.02 -10.64
N LEU A 95 2.36 -1.81 -10.15
CA LEU A 95 2.98 -2.84 -10.95
C LEU A 95 2.00 -3.93 -11.49
N ASN A 96 0.92 -4.20 -10.77
CA ASN A 96 -0.08 -5.13 -11.31
C ASN A 96 -0.94 -4.52 -12.37
N ILE A 97 -1.28 -3.26 -12.23
CA ILE A 97 -1.95 -2.53 -13.32
C ILE A 97 -1.17 -2.65 -14.65
N VAL A 98 0.13 -2.41 -14.55
CA VAL A 98 1.00 -2.36 -15.68
C VAL A 98 0.99 -3.71 -16.37
N ARG A 99 1.12 -4.74 -15.57
CA ARG A 99 1.13 -6.13 -16.10
C ARG A 99 -0.20 -6.56 -16.69
N PHE A 100 -1.27 -6.24 -15.98
CA PHE A 100 -2.63 -6.35 -16.47
C PHE A 100 -2.85 -5.56 -17.78
N LYS A 101 -2.15 -4.46 -17.98
CA LYS A 101 -2.13 -3.80 -19.32
C LYS A 101 -1.22 -4.44 -20.34
N GLN A 102 -0.54 -5.52 -19.98
CA GLN A 102 0.28 -6.32 -20.93
C GLN A 102 1.52 -5.55 -21.38
N ILE A 103 2.04 -4.76 -20.45
CA ILE A 103 3.21 -3.98 -20.70
C ILE A 103 4.34 -4.78 -20.07
N ARG A 104 5.26 -5.26 -20.89
CA ARG A 104 6.25 -6.24 -20.48
C ARG A 104 7.70 -5.74 -20.54
N PRO A 105 8.60 -6.34 -19.75
CA PRO A 105 10.01 -5.87 -19.68
C PRO A 105 10.77 -5.99 -20.98
N GLU A 106 10.35 -6.91 -21.83
CA GLU A 106 10.91 -7.06 -23.15
C GLU A 106 10.47 -5.95 -24.11
N ASP A 107 9.33 -5.28 -23.81
CA ASP A 107 8.84 -4.21 -24.67
C ASP A 107 9.75 -3.01 -24.59
N ALA A 108 9.81 -2.25 -25.69
CA ALA A 108 10.41 -0.93 -25.67
C ALA A 108 9.33 0.11 -25.26
N ILE A 109 9.48 0.65 -24.05
CA ILE A 109 8.52 1.55 -23.43
C ILE A 109 8.90 2.96 -23.86
N VAL A 110 7.97 3.72 -24.38
CA VAL A 110 8.22 5.10 -24.69
C VAL A 110 7.17 5.89 -23.94
N LEU A 111 7.60 6.78 -23.06
CA LEU A 111 6.68 7.55 -22.23
C LEU A 111 6.56 8.92 -22.76
N TYR A 112 5.40 9.54 -22.58
CA TYR A 112 5.23 10.94 -22.93
C TYR A 112 4.17 11.52 -22.05
N GLY A 113 4.29 12.82 -21.87
CA GLY A 113 3.34 13.62 -21.13
C GLY A 113 3.19 14.97 -21.78
N TYR A 114 2.56 15.89 -21.03
CA TYR A 114 2.48 17.27 -21.44
C TYR A 114 3.91 17.87 -21.53
N THR A 115 4.74 17.53 -20.56
CA THR A 115 6.17 17.79 -20.60
C THR A 115 6.91 16.49 -20.37
N PRO A 116 8.16 16.46 -20.80
CA PRO A 116 9.11 15.42 -20.31
C PRO A 116 9.27 15.28 -18.75
N GLU A 117 9.05 16.34 -17.96
CA GLU A 117 9.24 16.24 -16.50
C GLU A 117 8.22 15.35 -15.85
N GLU A 118 6.97 15.39 -16.29
CA GLU A 118 5.95 14.46 -15.70
C GLU A 118 6.26 12.96 -15.89
N CYS A 119 7.12 12.64 -16.87
CA CYS A 119 7.50 11.28 -17.18
C CYS A 119 8.63 10.78 -16.34
N GLU A 120 9.34 11.68 -15.67
CA GLU A 120 10.58 11.31 -14.91
C GLU A 120 10.30 10.20 -13.94
N GLN A 121 9.28 10.38 -13.12
CA GLN A 121 9.01 9.44 -12.05
C GLN A 121 8.52 8.08 -12.54
N THR A 122 7.70 8.12 -13.59
CA THR A 122 7.26 6.92 -14.25
C THR A 122 8.47 6.17 -14.81
N ALA A 123 9.38 6.85 -15.51
CA ALA A 123 10.48 6.13 -16.14
C ALA A 123 11.38 5.47 -15.07
N THR A 124 11.70 6.19 -14.02
CA THR A 124 12.36 5.62 -12.84
C THR A 124 11.64 4.39 -12.33
N ARG A 125 10.35 4.54 -12.11
CA ARG A 125 9.61 3.40 -11.62
C ARG A 125 9.67 2.17 -12.55
N PHE A 126 9.52 2.36 -13.85
CA PHE A 126 9.71 1.27 -14.80
C PHE A 126 11.08 0.59 -14.65
N LYS A 127 12.13 1.40 -14.65
CA LYS A 127 13.52 0.90 -14.52
C LYS A 127 13.74 0.21 -13.17
N GLU A 128 13.15 0.75 -12.12
CA GLU A 128 13.22 0.08 -10.81
C GLU A 128 12.55 -1.30 -10.77
N ASN A 129 11.63 -1.60 -11.68
CA ASN A 129 10.98 -2.91 -11.69
C ASN A 129 11.35 -3.77 -12.88
N GLY A 130 12.61 -3.67 -13.30
CA GLY A 130 13.15 -4.55 -14.32
C GLY A 130 12.84 -4.23 -15.78
N TYR A 131 12.31 -3.05 -16.07
CA TYR A 131 12.07 -2.69 -17.45
C TYR A 131 13.28 -1.90 -17.90
N ASN A 132 14.21 -2.53 -18.61
CA ASN A 132 15.48 -1.87 -19.01
C ASN A 132 15.44 -1.06 -20.34
N ASN A 133 14.35 -1.18 -21.11
CA ASN A 133 14.23 -0.41 -22.35
C ASN A 133 13.14 0.65 -22.23
N VAL A 134 13.55 1.87 -21.82
CA VAL A 134 12.64 2.93 -21.46
C VAL A 134 13.16 4.23 -22.03
N SER A 135 12.32 4.88 -22.84
CA SER A 135 12.64 6.15 -23.45
C SER A 135 11.56 7.16 -23.03
N VAL A 136 11.89 8.44 -23.08
CA VAL A 136 10.91 9.51 -22.88
C VAL A 136 10.84 10.34 -24.17
N PHE A 137 9.64 10.63 -24.63
CA PHE A 137 9.45 11.49 -25.79
C PHE A 137 9.12 12.90 -25.28
N HIS A 138 9.95 13.90 -25.62
CA HIS A 138 9.92 15.23 -25.01
C HIS A 138 8.92 16.17 -25.68
N ARG A 139 8.43 15.80 -26.85
CA ARG A 139 7.86 16.79 -27.77
C ARG A 139 6.37 16.51 -28.14
N PHE A 140 5.60 15.97 -27.20
CA PHE A 140 4.22 15.60 -27.50
C PHE A 140 3.44 16.85 -27.75
N HIS A 141 3.61 17.78 -26.84
CA HIS A 141 2.96 19.05 -26.97
C HIS A 141 4.08 20.12 -26.83
N PRO A 142 4.19 21.05 -27.75
CA PRO A 142 3.30 21.26 -28.88
C PRO A 142 3.65 20.50 -30.17
N ASP A 143 4.73 19.73 -30.21
CA ASP A 143 5.21 19.31 -31.51
C ASP A 143 4.30 18.31 -32.16
N TRP A 144 3.90 17.28 -31.42
CA TRP A 144 3.03 16.24 -31.98
C TRP A 144 1.63 16.78 -32.08
N THR A 145 1.12 17.42 -31.05
CA THR A 145 -0.27 17.93 -31.09
C THR A 145 -0.52 19.02 -32.09
N GLY A 146 0.49 19.86 -32.30
CA GLY A 146 0.38 21.01 -33.24
C GLY A 146 0.90 20.83 -34.65
N ASN A 147 0.92 19.58 -35.13
CA ASN A 147 1.11 19.27 -36.55
C ASN A 147 0.24 18.08 -36.97
N ASP A 148 -0.55 18.24 -38.01
CA ASP A 148 -1.56 17.24 -38.36
C ASP A 148 -1.10 16.05 -39.19
N ALA A 149 0.18 16.03 -39.53
CA ALA A 149 0.86 14.84 -40.04
C ALA A 149 1.11 13.82 -38.93
N PHE A 150 1.07 14.22 -37.66
CA PHE A 150 1.29 13.29 -36.56
C PHE A 150 -0.02 12.68 -36.06
N PRO A 151 -0.20 11.37 -36.21
CA PRO A 151 -1.51 10.75 -35.87
C PRO A 151 -1.85 10.73 -34.36
N MET A 152 -3.05 11.18 -34.08
CA MET A 152 -3.61 11.19 -32.77
C MET A 152 -4.95 10.50 -32.84
N ASP A 153 -5.42 10.06 -31.70
CA ASP A 153 -6.74 9.46 -31.59
C ASP A 153 -7.40 9.98 -30.28
N ARG A 154 -8.70 9.86 -30.19
CA ARG A 154 -9.39 10.31 -29.00
C ARG A 154 -10.72 9.63 -28.89
N LEU A 155 -11.25 9.66 -27.66
CA LEU A 155 -12.55 9.11 -27.36
C LEU A 155 -13.60 9.98 -27.98
N GLU A 156 -14.32 9.45 -28.95
CA GLU A 156 -15.15 10.31 -29.80
C GLU A 156 -16.09 11.28 -29.04
N GLN A 157 -16.84 10.83 -28.03
CA GLN A 157 -17.73 11.74 -27.33
C GLN A 157 -17.15 12.10 -25.99
N TYR A 158 -15.87 12.35 -25.97
CA TYR A 158 -15.20 12.61 -24.73
C TYR A 158 -15.83 13.75 -23.94
N ASN A 159 -16.49 14.67 -24.62
CA ASN A 159 -16.97 15.85 -23.96
C ASN A 159 -18.14 15.58 -23.01
N ARG A 160 -18.70 14.37 -23.08
CA ARG A 160 -19.73 13.94 -22.16
C ARG A 160 -19.18 13.37 -20.85
N LEU A 161 -17.86 13.14 -20.82
CA LEU A 161 -17.18 12.57 -19.66
C LEU A 161 -16.12 13.55 -19.21
N VAL A 162 -16.47 14.32 -18.18
CA VAL A 162 -15.82 15.59 -17.88
C VAL A 162 -14.82 15.47 -16.72
N PRO A 163 -13.74 16.28 -16.76
CA PRO A 163 -12.82 16.35 -15.65
C PRO A 163 -13.28 17.27 -14.55
N ALA A 164 -12.70 17.10 -13.37
CA ALA A 164 -13.01 17.93 -12.22
C ALA A 164 -12.84 19.44 -12.47
N GLU A 165 -11.81 19.79 -13.25
CA GLU A 165 -11.40 21.17 -13.48
C GLU A 165 -12.44 21.81 -14.38
N TRP A 166 -13.03 21.03 -15.27
CA TRP A 166 -14.11 21.55 -16.06
C TRP A 166 -15.32 21.85 -15.18
N VAL A 167 -15.56 20.98 -14.21
CA VAL A 167 -16.69 21.20 -13.32
C VAL A 167 -16.41 22.43 -12.49
N ASN A 168 -15.17 22.55 -11.98
CA ASN A 168 -14.83 23.76 -11.24
C ASN A 168 -15.02 25.04 -12.06
N GLY A 169 -14.45 25.07 -13.25
CA GLY A 169 -14.69 26.15 -14.17
C GLY A 169 -16.16 26.48 -14.29
N LEU A 170 -16.98 25.48 -14.52
CA LEU A 170 -18.41 25.65 -14.75
C LEU A 170 -19.13 26.38 -13.62
N ILE A 171 -18.93 25.87 -12.41
CA ILE A 171 -19.55 26.44 -11.20
C ILE A 171 -18.95 27.80 -10.81
N SER A 172 -17.70 28.05 -11.23
CA SER A 172 -17.01 29.30 -10.91
C SER A 172 -17.35 30.45 -11.86
N GLY A 173 -18.19 30.20 -12.87
CA GLY A 173 -18.49 31.22 -13.89
C GLY A 173 -17.43 31.37 -14.98
N GLU A 174 -16.34 30.58 -14.90
CA GLU A 174 -15.20 30.71 -15.83
C GLU A 174 -15.55 30.18 -17.21
N GLU A 175 -14.72 30.56 -18.17
CA GLU A 175 -14.78 30.12 -19.54
C GLU A 175 -14.14 28.74 -19.65
N ILE A 176 -14.86 27.82 -20.29
CA ILE A 176 -14.44 26.42 -20.35
C ILE A 176 -14.73 25.88 -21.73
N PRO A 177 -13.92 24.92 -22.23
CA PRO A 177 -14.27 24.28 -23.50
C PRO A 177 -15.53 23.36 -23.46
N GLU A 178 -15.99 22.98 -24.63
CA GLU A 178 -17.09 22.06 -24.82
C GLU A 178 -18.34 22.50 -24.03
N TYR A 179 -18.57 23.81 -23.99
CA TYR A 179 -19.75 24.32 -23.32
C TYR A 179 -20.22 25.69 -23.80
N ASP A 180 -21.39 25.70 -24.44
CA ASP A 180 -22.02 26.89 -24.98
C ASP A 180 -23.41 27.02 -24.42
N ASN A 181 -23.55 26.95 -23.11
CA ASN A 181 -24.89 27.00 -22.50
C ASN A 181 -24.87 28.00 -21.36
N ASP A 182 -26.05 28.47 -20.99
CA ASP A 182 -26.19 29.49 -19.92
C ASP A 182 -26.77 28.91 -18.64
N THR A 183 -27.13 27.64 -18.68
CA THR A 183 -27.94 26.99 -17.64
C THR A 183 -27.42 25.59 -17.38
N PHE A 184 -27.06 25.37 -16.13
CA PHE A 184 -26.53 24.12 -15.64
C PHE A 184 -27.01 23.76 -14.24
N ILE A 185 -26.67 22.55 -13.81
CA ILE A 185 -27.02 22.06 -12.50
C ILE A 185 -26.08 20.90 -12.22
N VAL A 186 -25.40 20.93 -11.08
CA VAL A 186 -24.60 19.81 -10.66
C VAL A 186 -25.44 18.94 -9.71
N CYS A 187 -25.56 17.65 -10.04
CA CYS A 187 -26.41 16.72 -9.28
CA CYS A 187 -26.41 16.72 -9.34
C CYS A 187 -25.62 15.54 -8.72
N HIS A 188 -25.72 15.41 -7.39
CA HIS A 188 -25.09 14.32 -6.64
C HIS A 188 -26.10 13.17 -6.52
N ALA A 189 -25.85 12.06 -7.22
CA ALA A 189 -26.77 10.93 -7.14
C ALA A 189 -26.53 10.09 -5.91
N HIS A 190 -27.60 9.48 -5.42
CA HIS A 190 -27.48 8.44 -4.41
C HIS A 190 -28.77 7.61 -4.39
N TYR A 191 -28.70 6.49 -3.72
CA TYR A 191 -29.85 5.61 -3.52
C TYR A 191 -30.15 5.58 -2.04
N ARG A 192 -31.25 6.24 -1.68
CA ARG A 192 -31.78 6.38 -0.29
C ARG A 192 -30.72 6.55 0.76
N ASN A 193 -29.90 7.57 0.56
CA ASN A 193 -28.76 7.84 1.40
C ASN A 193 -28.34 9.30 1.22
N ARG A 194 -29.19 10.22 1.67
CA ARG A 194 -28.83 11.63 1.68
C ARG A 194 -27.50 11.92 2.40
N ASP A 195 -27.12 11.08 3.34
CA ASP A 195 -25.83 11.28 3.97
C ASP A 195 -24.67 11.25 2.99
N ALA A 196 -24.77 10.48 1.89
CA ALA A 196 -23.70 10.46 0.85
C ALA A 196 -23.48 11.88 0.29
N TYR A 197 -24.54 12.68 0.27
CA TYR A 197 -24.48 14.07 -0.12
C TYR A 197 -24.16 15.02 1.02
N LEU A 198 -24.76 14.82 2.18
CA LEU A 198 -24.58 15.73 3.34
C LEU A 198 -23.21 15.63 3.94
N SER A 199 -22.60 14.46 3.90
CA SER A 199 -21.22 14.31 4.33
C SER A 199 -20.19 15.03 3.43
N GLY A 200 -20.62 15.58 2.30
CA GLY A 200 -19.71 16.40 1.50
C GLY A 200 -20.02 16.24 0.04
N HIS A 201 -20.15 17.36 -0.64
CA HIS A 201 -20.51 17.38 -1.99
C HIS A 201 -19.83 18.54 -2.73
N ILE A 202 -20.06 18.62 -4.03
CA ILE A 202 -19.52 19.70 -4.86
C ILE A 202 -20.30 20.99 -4.57
N PRO A 203 -19.56 22.10 -4.35
CA PRO A 203 -20.26 23.28 -3.88
C PRO A 203 -21.40 23.63 -4.80
N GLY A 204 -22.55 23.96 -4.22
CA GLY A 204 -23.75 24.26 -4.97
C GLY A 204 -24.56 23.07 -5.54
N ALA A 205 -24.02 21.86 -5.55
CA ALA A 205 -24.76 20.73 -6.15
C ALA A 205 -25.98 20.41 -5.27
N THR A 206 -27.06 19.97 -5.90
CA THR A 206 -28.22 19.42 -5.18
C THR A 206 -28.11 17.90 -5.23
N ASP A 207 -28.87 17.20 -4.40
CA ASP A 207 -28.83 15.72 -4.39
C ASP A 207 -30.05 15.14 -5.13
N MET A 208 -29.84 14.04 -5.83
CA MET A 208 -30.95 13.32 -6.48
C MET A 208 -30.86 11.88 -6.05
N ASP A 209 -31.88 11.41 -5.35
CA ASP A 209 -32.03 9.99 -4.96
C ASP A 209 -32.33 9.29 -6.27
N THR A 210 -31.81 8.09 -6.49
CA THR A 210 -32.11 7.32 -7.73
C THR A 210 -33.60 6.92 -7.78
N LEU A 211 -34.28 6.81 -6.64
CA LEU A 211 -35.73 6.55 -6.50
C LEU A 211 -36.55 7.69 -7.15
N ALA A 212 -36.03 8.90 -7.25
CA ALA A 212 -36.71 9.98 -7.98
C ALA A 212 -36.94 9.59 -9.45
N LEU A 213 -36.07 8.78 -10.06
CA LEU A 213 -36.26 8.43 -11.46
C LEU A 213 -36.53 6.99 -11.76
N GLU A 214 -36.37 6.09 -10.80
CA GLU A 214 -36.72 4.71 -11.03
C GLU A 214 -37.65 4.19 -9.94
N SER A 215 -38.45 3.21 -10.32
CA SER A 215 -39.49 2.69 -9.49
C SER A 215 -38.96 1.54 -8.65
N PRO A 216 -39.22 1.56 -7.32
CA PRO A 216 -38.88 0.40 -6.51
C PRO A 216 -39.71 -0.85 -6.77
N GLU A 217 -40.80 -0.78 -7.53
CA GLU A 217 -41.57 -1.98 -7.89
C GLU A 217 -40.91 -2.78 -8.99
N THR A 218 -40.55 -2.10 -10.08
CA THR A 218 -39.97 -2.75 -11.27
C THR A 218 -38.46 -2.58 -11.38
N TRP A 219 -37.88 -1.72 -10.56
CA TRP A 219 -36.52 -1.19 -10.79
C TRP A 219 -36.24 -0.78 -12.24
N ASN A 220 -37.26 -0.27 -12.87
CA ASN A 220 -37.12 0.31 -14.20
C ASN A 220 -37.38 1.80 -14.09
N ARG A 221 -36.96 2.54 -15.12
CA ARG A 221 -37.28 3.96 -15.23
C ARG A 221 -38.78 4.22 -14.99
N ARG A 222 -39.05 5.37 -14.43
CA ARG A 222 -40.40 5.77 -14.17
C ARG A 222 -41.10 6.21 -15.47
N THR A 223 -42.39 6.40 -15.36
CA THR A 223 -43.24 6.76 -16.49
C THR A 223 -42.90 8.18 -16.88
N PRO A 224 -43.28 8.56 -18.11
CA PRO A 224 -43.03 9.92 -18.60
C PRO A 224 -43.52 11.08 -17.71
N GLU A 225 -44.71 10.92 -17.12
CA GLU A 225 -45.33 11.93 -16.29
C GLU A 225 -44.54 12.12 -15.02
N GLU A 226 -44.16 11.02 -14.39
CA GLU A 226 -43.34 11.08 -13.18
C GLU A 226 -41.97 11.68 -13.44
N LEU A 227 -41.38 11.25 -14.54
CA LEU A 227 -40.10 11.76 -15.02
C LEU A 227 -40.12 13.25 -15.12
N LYS A 228 -41.18 13.74 -15.77
CA LYS A 228 -41.34 15.17 -16.00
C LYS A 228 -41.39 15.92 -14.70
N LYS A 229 -42.22 15.41 -13.81
CA LYS A 229 -42.50 16.06 -12.53
C LYS A 229 -41.24 16.06 -11.65
N ALA A 230 -40.55 14.92 -11.57
CA ALA A 230 -39.29 14.79 -10.79
C ALA A 230 -38.14 15.71 -11.26
N LEU A 231 -38.00 15.85 -12.56
CA LEU A 231 -36.94 16.71 -13.08
C LEU A 231 -37.23 18.20 -12.85
N GLU A 232 -38.42 18.62 -13.26
CA GLU A 232 -38.96 19.96 -12.86
C GLU A 232 -38.65 20.25 -11.42
N GLU A 233 -38.99 19.29 -10.54
CA GLU A 233 -38.86 19.52 -9.09
C GLU A 233 -37.43 19.48 -8.60
N HIS A 234 -36.55 18.87 -9.40
CA HIS A 234 -35.13 18.91 -9.15
C HIS A 234 -34.41 20.06 -9.82
N GLY A 235 -35.16 20.82 -10.61
CA GLY A 235 -34.68 22.05 -11.16
C GLY A 235 -33.99 21.90 -12.49
N ILE A 236 -34.49 20.96 -13.29
CA ILE A 236 -33.87 20.51 -14.54
C ILE A 236 -34.84 20.67 -15.71
N THR A 237 -34.42 21.37 -16.77
CA THR A 237 -35.20 21.39 -18.03
C THR A 237 -34.41 20.66 -19.05
N ALA A 238 -35.07 20.28 -20.14
CA ALA A 238 -34.43 19.66 -21.30
C ALA A 238 -33.22 20.44 -21.85
N SER A 239 -33.17 21.73 -21.59
CA SER A 239 -32.08 22.56 -22.13
C SER A 239 -31.05 22.93 -21.08
N THR A 240 -31.16 22.32 -19.91
CA THR A 240 -30.19 22.48 -18.83
C THR A 240 -28.97 21.51 -19.08
N THR A 241 -27.75 21.99 -18.83
CA THR A 241 -26.61 21.11 -18.82
C THR A 241 -26.54 20.51 -17.44
N VAL A 242 -26.83 19.20 -17.35
CA VAL A 242 -26.80 18.50 -16.10
C VAL A 242 -25.45 17.76 -15.98
N VAL A 243 -24.77 17.97 -14.85
CA VAL A 243 -23.56 17.31 -14.52
C VAL A 243 -23.76 16.31 -13.37
N LEU A 244 -23.67 15.00 -13.68
CA LEU A 244 -23.95 13.94 -12.67
C LEU A 244 -22.66 13.32 -12.07
N TYR A 245 -22.67 13.08 -10.76
CA TYR A 245 -21.62 12.37 -10.09
C TYR A 245 -22.24 11.72 -8.87
N GLY A 246 -21.49 10.80 -8.29
CA GLY A 246 -21.82 10.12 -7.08
C GLY A 246 -20.58 9.76 -6.28
N LYS A 247 -20.78 9.29 -5.05
CA LYS A 247 -19.65 9.03 -4.17
C LYS A 247 -19.56 7.52 -3.88
N PHE A 248 -18.36 6.97 -4.09
CA PHE A 248 -18.05 5.61 -3.76
C PHE A 248 -17.85 5.52 -2.27
N MET A 249 -18.62 4.67 -1.59
CA MET A 249 -18.50 4.49 -0.14
C MET A 249 -18.26 3.08 0.31
N HIS A 250 -17.46 2.33 -0.45
CA HIS A 250 -17.07 0.91 -0.17
C HIS A 250 -18.24 -0.06 -0.01
N PRO A 251 -18.99 -0.31 -1.10
CA PRO A 251 -20.18 -1.17 -1.07
C PRO A 251 -19.85 -2.51 -0.51
N ASP A 252 -20.65 -2.93 0.46
CA ASP A 252 -20.49 -4.17 1.19
C ASP A 252 -21.72 -5.05 0.95
N ASN A 253 -21.49 -6.22 0.38
CA ASN A 253 -22.53 -7.11 -0.05
C ASN A 253 -23.43 -7.67 1.08
N ALA A 254 -22.85 -7.80 2.26
CA ALA A 254 -23.56 -8.11 3.51
C ALA A 254 -24.73 -7.21 3.84
N ASP A 255 -24.56 -5.90 3.60
CA ASP A 255 -25.49 -4.87 4.08
C ASP A 255 -26.79 -4.91 3.33
N GLU A 256 -27.82 -4.30 3.93
CA GLU A 256 -29.18 -4.33 3.38
C GLU A 256 -29.27 -3.57 2.07
N PHE A 257 -28.56 -2.44 1.99
CA PHE A 257 -28.64 -1.56 0.83
C PHE A 257 -27.24 -1.17 0.37
N PRO A 258 -26.47 -2.15 -0.17
CA PRO A 258 -25.12 -1.88 -0.70
C PRO A 258 -25.05 -0.79 -1.77
N GLY A 259 -26.15 -0.59 -2.52
CA GLY A 259 -26.24 0.40 -3.58
C GLY A 259 -26.19 1.82 -3.11
N SER A 260 -26.57 2.01 -1.84
CA SER A 260 -26.43 3.30 -1.15
C SER A 260 -24.96 3.76 -1.08
N ALA A 261 -24.03 2.80 -1.14
CA ALA A 261 -22.59 3.09 -1.22
C ALA A 261 -21.99 3.15 -2.66
N ALA A 262 -22.78 2.89 -3.70
CA ALA A 262 -22.24 2.83 -5.08
C ALA A 262 -22.76 4.03 -5.85
N GLY A 263 -22.48 5.21 -5.30
CA GLY A 263 -23.06 6.41 -5.79
C GLY A 263 -22.71 6.83 -7.20
N HIS A 264 -21.51 6.59 -7.65
CA HIS A 264 -21.18 6.98 -9.04
C HIS A 264 -21.76 6.02 -10.12
N ILE A 265 -21.92 4.73 -9.85
CA ILE A 265 -22.76 3.86 -10.74
C ILE A 265 -24.20 4.45 -10.80
N GLY A 266 -24.70 4.85 -9.66
CA GLY A 266 -26.05 5.39 -9.64
C GLY A 266 -26.16 6.63 -10.48
N ALA A 267 -25.13 7.45 -10.41
CA ALA A 267 -25.05 8.66 -11.23
C ALA A 267 -25.11 8.40 -12.71
N ILE A 268 -24.35 7.40 -13.14
CA ILE A 268 -24.32 7.04 -14.55
C ILE A 268 -25.68 6.46 -14.92
N ARG A 269 -26.31 5.73 -14.00
CA ARG A 269 -27.66 5.21 -14.23
C ARG A 269 -28.63 6.34 -14.45
N LEU A 270 -28.56 7.38 -13.63
CA LEU A 270 -29.42 8.53 -13.81
C LEU A 270 -29.15 9.29 -15.07
N ALA A 271 -27.90 9.30 -15.47
CA ALA A 271 -27.55 9.93 -16.72
C ALA A 271 -28.22 9.24 -17.87
N PHE A 272 -28.19 7.93 -17.83
CA PHE A 272 -28.94 7.17 -18.81
C PHE A 272 -30.40 7.64 -18.84
N ILE A 273 -31.04 7.70 -17.69
CA ILE A 273 -32.48 7.97 -17.70
C ILE A 273 -32.74 9.38 -18.23
N MET A 274 -31.94 10.35 -17.77
CA MET A 274 -32.07 11.72 -18.24
C MET A 274 -31.84 11.79 -19.74
N MET A 275 -30.85 11.08 -20.24
CA MET A 275 -30.61 11.09 -21.67
C MET A 275 -31.76 10.53 -22.47
N TYR A 276 -32.32 9.43 -21.98
CA TYR A 276 -33.57 8.87 -22.53
C TYR A 276 -34.76 9.83 -22.48
N ALA A 277 -34.97 10.41 -21.29
CA ALA A 277 -35.99 11.41 -21.07
C ALA A 277 -35.98 12.44 -22.14
N GLY A 278 -34.78 13.01 -22.34
CA GLY A 278 -34.56 14.08 -23.32
C GLY A 278 -33.80 15.30 -22.87
N VAL A 279 -33.07 15.21 -21.74
CA VAL A 279 -32.07 16.24 -21.34
C VAL A 279 -30.94 16.15 -22.36
N GLU A 280 -30.74 17.23 -23.09
CA GLU A 280 -29.91 17.18 -24.28
C GLU A 280 -28.45 17.14 -23.96
N ASP A 281 -28.05 17.86 -22.90
CA ASP A 281 -26.66 17.90 -22.51
C ASP A 281 -26.48 17.34 -21.08
N VAL A 282 -26.07 16.08 -21.01
CA VAL A 282 -25.77 15.44 -19.73
C VAL A 282 -24.32 15.10 -19.69
N ARG A 283 -23.65 15.57 -18.64
CA ARG A 283 -22.25 15.20 -18.38
C ARG A 283 -22.19 14.35 -17.12
N VAL A 284 -21.15 13.53 -17.06
CA VAL A 284 -20.80 12.71 -15.94
C VAL A 284 -19.39 13.05 -15.53
N LEU A 285 -19.21 13.36 -14.27
CA LEU A 285 -17.90 13.63 -13.80
C LEU A 285 -17.12 12.32 -13.73
N ASN A 286 -16.00 12.25 -14.42
CA ASN A 286 -15.24 11.02 -14.51
C ASN A 286 -14.58 10.66 -13.18
N GLY A 287 -14.87 9.45 -12.66
CA GLY A 287 -14.36 9.01 -11.34
C GLY A 287 -15.11 9.50 -10.10
N GLY A 288 -16.18 10.26 -10.31
CA GLY A 288 -17.05 10.64 -9.21
C GLY A 288 -16.48 11.69 -8.28
N TYR A 289 -17.02 11.71 -7.06
CA TYR A 289 -16.64 12.68 -6.02
C TYR A 289 -15.13 12.61 -5.76
N GLN A 290 -14.63 11.40 -5.67
CA GLN A 290 -13.24 11.06 -5.64
C GLN A 290 -12.34 11.97 -6.52
N SER A 291 -12.71 12.07 -7.78
CA SER A 291 -11.95 12.93 -8.70
C SER A 291 -11.93 14.42 -8.28
N TRP A 292 -13.04 14.90 -7.76
CA TRP A 292 -13.13 16.30 -7.26
C TRP A 292 -12.20 16.55 -6.07
N THR A 293 -12.24 15.69 -5.07
CA THR A 293 -11.35 15.81 -3.94
C THR A 293 -9.90 15.54 -4.30
N ASP A 294 -9.63 14.52 -5.09
CA ASP A 294 -8.23 14.27 -5.53
C ASP A 294 -7.59 15.51 -6.19
N ALA A 295 -8.40 16.33 -6.85
CA ALA A 295 -7.91 17.54 -7.47
C ALA A 295 -7.74 18.66 -6.45
N GLY A 296 -8.00 18.38 -5.16
CA GLY A 296 -7.92 19.33 -4.06
C GLY A 296 -8.98 20.44 -4.07
N PHE A 297 -10.08 20.30 -4.78
CA PHE A 297 -11.11 21.32 -4.71
C PHE A 297 -11.93 21.23 -3.41
N ALA A 298 -12.51 22.37 -3.08
CA ALA A 298 -13.18 22.52 -1.82
C ALA A 298 -14.52 21.77 -1.88
N ILE A 299 -14.93 21.24 -0.72
CA ILE A 299 -16.25 20.59 -0.59
C ILE A 299 -17.22 21.32 0.34
N SER A 300 -18.52 21.20 0.07
CA SER A 300 -19.58 21.80 0.87
C SER A 300 -20.34 20.71 1.65
N LYS A 301 -20.97 21.12 2.74
CA LYS A 301 -21.89 20.29 3.50
C LYS A 301 -23.29 20.93 3.59
N ASP A 302 -23.55 21.98 2.83
CA ASP A 302 -24.85 22.60 2.98
C ASP A 302 -25.90 21.68 2.43
N ASP A 303 -27.08 21.79 3.00
CA ASP A 303 -28.18 21.19 2.40
C ASP A 303 -28.85 22.17 1.46
N VAL A 304 -28.40 22.12 0.22
CA VAL A 304 -28.77 23.13 -0.73
C VAL A 304 -30.22 22.84 -1.12
N PRO A 305 -31.09 23.85 -1.04
CA PRO A 305 -32.49 23.57 -1.43
C PRO A 305 -32.63 23.52 -2.94
N LYS A 306 -33.66 22.86 -3.43
CA LYS A 306 -33.90 22.85 -4.84
C LYS A 306 -34.47 24.18 -5.29
N THR A 307 -34.16 24.52 -6.53
CA THR A 307 -34.80 25.59 -7.26
C THR A 307 -35.60 24.94 -8.36
N THR A 308 -36.92 24.94 -8.20
CA THR A 308 -37.81 24.32 -9.14
C THR A 308 -37.85 25.13 -10.41
N VAL A 309 -38.20 24.44 -11.50
CA VAL A 309 -38.58 25.02 -12.77
C VAL A 309 -39.96 24.48 -13.10
N PRO A 310 -40.73 25.24 -13.85
CA PRO A 310 -42.12 24.83 -14.03
C PRO A 310 -42.37 23.91 -15.21
N GLU A 311 -41.55 24.01 -16.26
CA GLU A 311 -41.71 23.22 -17.48
C GLU A 311 -40.39 22.59 -17.84
N PHE A 312 -40.36 21.27 -18.02
CA PHE A 312 -39.16 20.54 -18.50
C PHE A 312 -38.76 21.04 -19.90
N GLY A 313 -39.76 21.12 -20.78
CA GLY A 313 -39.67 21.82 -22.06
C GLY A 313 -39.40 20.97 -23.26
N ALA A 314 -39.97 19.76 -23.26
CA ALA A 314 -39.71 18.75 -24.27
C ALA A 314 -40.52 17.48 -23.99
N PRO A 315 -41.01 16.81 -25.03
CA PRO A 315 -41.77 15.57 -24.80
C PRO A 315 -40.87 14.48 -24.23
N ILE A 316 -41.36 13.75 -23.22
CA ILE A 316 -40.61 12.66 -22.61
C ILE A 316 -41.22 11.34 -23.10
N PRO A 317 -40.44 10.40 -23.63
CA PRO A 317 -39.00 10.48 -23.77
C PRO A 317 -38.62 10.95 -25.16
N SER A 318 -37.68 11.86 -25.27
CA SER A 318 -37.09 12.22 -26.58
C SER A 318 -36.19 11.16 -27.20
N ARG A 319 -35.52 10.31 -26.41
CA ARG A 319 -34.63 9.29 -26.95
C ARG A 319 -35.06 7.91 -26.52
N PRO A 320 -36.23 7.49 -26.97
CA PRO A 320 -36.72 6.19 -26.56
C PRO A 320 -35.79 5.00 -26.95
N GLU A 321 -35.07 5.12 -28.05
CA GLU A 321 -34.14 4.09 -28.53
C GLU A 321 -33.07 3.68 -27.52
N PHE A 322 -32.75 4.57 -26.58
CA PHE A 322 -31.81 4.20 -25.52
C PHE A 322 -32.31 3.12 -24.55
N ALA A 323 -33.64 3.00 -24.39
CA ALA A 323 -34.30 2.04 -23.48
C ALA A 323 -34.94 0.88 -24.26
N VAL A 324 -34.64 -0.34 -23.83
CA VAL A 324 -35.18 -1.53 -24.42
C VAL A 324 -35.90 -2.30 -23.31
N ASP A 325 -37.04 -2.86 -23.70
CA ASP A 325 -37.91 -3.58 -22.80
C ASP A 325 -37.98 -5.00 -23.25
N ILE A 326 -38.64 -5.84 -22.45
CA ILE A 326 -38.43 -7.27 -22.59
C ILE A 326 -38.86 -7.87 -23.94
N ASP A 327 -39.92 -7.35 -24.53
CA ASP A 327 -40.36 -7.87 -25.83
C ASP A 327 -39.27 -7.65 -26.86
N GLU A 328 -38.81 -6.41 -26.97
CA GLU A 328 -37.70 -6.05 -27.84
C GLU A 328 -36.46 -6.90 -27.52
N ALA A 329 -36.15 -7.02 -26.23
CA ALA A 329 -34.98 -7.83 -25.82
C ALA A 329 -35.04 -9.23 -26.38
N LYS A 330 -36.22 -9.82 -26.27
CA LYS A 330 -36.46 -11.13 -26.85
C LYS A 330 -36.25 -11.11 -28.37
N GLU A 331 -36.71 -10.08 -29.05
CA GLU A 331 -36.52 -9.99 -30.47
C GLU A 331 -35.00 -10.04 -30.77
N MET A 332 -34.26 -9.21 -30.05
CA MET A 332 -32.80 -9.01 -30.22
C MET A 332 -32.01 -10.26 -30.04
N LEU A 333 -32.44 -11.10 -29.11
CA LEU A 333 -31.85 -12.41 -28.94
C LEU A 333 -31.94 -13.33 -30.15
N GLN A 334 -33.03 -13.27 -30.94
CA GLN A 334 -33.14 -14.14 -32.13
C GLN A 334 -33.04 -13.28 -33.40
N SER A 335 -31.93 -12.57 -33.47
CA SER A 335 -31.69 -11.67 -34.57
C SER A 335 -30.19 -11.53 -34.66
N GLU A 336 -29.70 -11.56 -35.90
CA GLU A 336 -28.28 -11.53 -36.22
C GLU A 336 -27.80 -10.11 -35.99
N ASP A 337 -28.67 -9.17 -36.31
CA ASP A 337 -28.46 -7.74 -36.25
C ASP A 337 -28.15 -7.18 -34.82
N SER A 338 -28.45 -7.97 -33.77
CA SER A 338 -28.56 -7.49 -32.42
C SER A 338 -28.13 -8.49 -31.36
N ASP A 339 -27.70 -7.94 -30.21
CA ASP A 339 -27.37 -8.74 -29.05
C ASP A 339 -27.73 -8.05 -27.72
N LEU A 340 -28.04 -8.88 -26.74
CA LEU A 340 -28.11 -8.46 -25.36
C LEU A 340 -26.74 -8.68 -24.80
N VAL A 341 -26.29 -7.75 -23.98
CA VAL A 341 -24.96 -7.87 -23.36
C VAL A 341 -25.13 -7.94 -21.85
N CYS A 342 -24.62 -9.03 -21.29
CA CYS A 342 -24.83 -9.31 -19.87
C CYS A 342 -23.68 -8.71 -19.05
N VAL A 343 -23.99 -7.66 -18.28
CA VAL A 343 -22.98 -6.97 -17.51
C VAL A 343 -23.14 -7.26 -16.01
N ARG A 344 -22.98 -8.54 -15.70
CA ARG A 344 -23.00 -9.02 -14.32
C ARG A 344 -21.71 -9.70 -13.92
N SER A 345 -21.61 -10.19 -12.69
CA SER A 345 -20.41 -10.86 -12.24
C SER A 345 -20.45 -12.28 -12.70
N TYR A 346 -19.30 -12.96 -12.62
CA TYR A 346 -19.20 -14.36 -12.97
C TYR A 346 -20.03 -15.29 -12.06
N PRO A 347 -19.94 -15.10 -10.72
CA PRO A 347 -20.86 -15.89 -9.85
C PRO A 347 -22.36 -15.74 -10.16
N GLU A 348 -22.78 -14.51 -10.50
CA GLU A 348 -24.16 -14.31 -10.95
C GLU A 348 -24.39 -15.07 -12.25
N TYR A 349 -23.44 -14.99 -13.16
CA TYR A 349 -23.56 -15.55 -14.51
C TYR A 349 -23.78 -17.04 -14.46
N ILE A 350 -22.92 -17.73 -13.73
CA ILE A 350 -23.07 -19.17 -13.52
C ILE A 350 -24.18 -19.58 -12.57
N GLY A 351 -24.77 -18.64 -11.84
CA GLY A 351 -25.92 -18.91 -10.97
C GLY A 351 -25.57 -19.40 -9.57
N GLU A 352 -24.36 -19.10 -9.07
CA GLU A 352 -23.99 -19.27 -7.65
C GLU A 352 -24.73 -18.29 -6.70
N VAL A 353 -24.95 -17.06 -7.15
CA VAL A 353 -25.64 -16.03 -6.36
C VAL A 353 -26.64 -15.35 -7.30
N SER A 354 -27.71 -14.80 -6.72
CA SER A 354 -28.69 -14.05 -7.47
C SER A 354 -28.14 -12.70 -7.84
N GLY A 355 -27.22 -12.18 -7.03
CA GLY A 355 -26.62 -10.86 -7.31
C GLY A 355 -27.09 -9.73 -6.42
N ALA A 356 -28.28 -9.88 -5.85
CA ALA A 356 -28.85 -8.90 -4.93
C ALA A 356 -29.82 -9.60 -3.98
N ASN A 357 -30.11 -8.96 -2.85
CA ASN A 357 -30.98 -9.52 -1.82
C ASN A 357 -32.50 -9.41 -2.06
N TYR A 358 -32.92 -8.82 -3.16
CA TYR A 358 -34.34 -8.76 -3.54
C TYR A 358 -34.61 -9.58 -4.82
N ILE A 359 -33.60 -10.34 -5.26
CA ILE A 359 -33.70 -11.17 -6.46
C ILE A 359 -33.64 -12.60 -5.95
N LYS A 360 -34.65 -13.41 -6.30
CA LYS A 360 -34.83 -14.73 -5.68
C LYS A 360 -34.17 -15.81 -6.53
N LYS A 361 -34.30 -15.67 -7.84
CA LYS A 361 -33.79 -16.65 -8.78
C LYS A 361 -32.33 -16.36 -9.22
N LYS A 362 -31.62 -17.45 -9.44
CA LYS A 362 -30.23 -17.48 -9.85
C LYS A 362 -30.18 -18.18 -11.20
N GLY A 363 -29.31 -17.66 -12.07
CA GLY A 363 -29.36 -17.98 -13.51
C GLY A 363 -29.00 -16.83 -14.42
N ARG A 364 -29.08 -17.09 -15.73
CA ARG A 364 -28.78 -16.13 -16.78
C ARG A 364 -29.72 -16.22 -17.94
N ILE A 365 -29.78 -15.15 -18.71
CA ILE A 365 -30.61 -15.08 -19.88
C ILE A 365 -29.90 -15.84 -21.02
N PRO A 366 -30.56 -16.89 -21.57
CA PRO A 366 -29.90 -17.67 -22.66
C PRO A 366 -29.73 -16.83 -23.91
N GLY A 367 -28.57 -16.95 -24.53
CA GLY A 367 -28.27 -16.15 -25.72
C GLY A 367 -27.59 -14.79 -25.57
N ALA A 368 -27.48 -14.25 -24.35
CA ALA A 368 -26.74 -12.96 -24.15
C ALA A 368 -25.23 -13.19 -24.22
N ILE A 369 -24.50 -12.12 -24.55
CA ILE A 369 -23.07 -12.14 -24.52
C ILE A 369 -22.58 -11.63 -23.15
N PHE A 370 -21.79 -12.47 -22.50
CA PHE A 370 -21.22 -12.12 -21.23
C PHE A 370 -20.17 -11.01 -21.41
N ALA A 371 -20.28 -9.97 -20.60
CA ALA A 371 -19.23 -8.93 -20.47
C ALA A 371 -19.02 -8.57 -18.97
N GLU A 372 -18.34 -9.51 -18.28
CA GLU A 372 -18.12 -9.51 -16.82
C GLU A 372 -17.89 -8.09 -16.23
N CYS A 373 -18.84 -7.66 -15.39
CA CYS A 373 -18.76 -6.32 -14.80
C CYS A 373 -17.51 -6.12 -13.91
N GLY A 374 -17.19 -7.18 -13.16
CA GLY A 374 -16.39 -7.06 -11.96
C GLY A 374 -16.81 -8.12 -10.92
N SER A 375 -16.60 -7.80 -9.66
CA SER A 375 -16.60 -8.80 -8.56
C SER A 375 -18.02 -9.19 -8.10
N ASP A 376 -18.94 -8.22 -8.08
CA ASP A 376 -20.34 -8.42 -7.62
C ASP A 376 -21.25 -7.34 -8.22
N ALA A 377 -22.47 -7.13 -7.71
CA ALA A 377 -23.39 -6.19 -8.35
C ALA A 377 -23.11 -4.72 -8.07
N TYR A 378 -22.27 -4.44 -7.11
CA TYR A 378 -22.03 -3.07 -6.67
C TYR A 378 -20.65 -2.54 -7.04
N HIS A 379 -19.88 -3.33 -7.80
CA HIS A 379 -18.52 -2.98 -8.27
C HIS A 379 -18.39 -3.24 -9.81
N MET A 380 -17.60 -2.37 -10.46
CA MET A 380 -17.37 -2.36 -11.91
C MET A 380 -15.87 -2.38 -12.25
N GLU A 381 -15.11 -3.26 -11.62
CA GLU A 381 -13.65 -3.28 -11.81
C GLU A 381 -13.18 -3.44 -13.27
N ASN A 382 -13.92 -4.18 -14.09
CA ASN A 382 -13.49 -4.42 -15.43
C ASN A 382 -13.75 -3.22 -16.33
N TYR A 383 -14.51 -2.25 -15.86
CA TYR A 383 -14.84 -1.10 -16.66
C TYR A 383 -14.27 0.18 -16.07
N ARG A 384 -13.39 0.03 -15.09
CA ARG A 384 -12.91 1.15 -14.29
C ARG A 384 -11.47 0.93 -13.85
N ASN A 385 -10.82 2.03 -13.52
CA ASN A 385 -9.50 2.03 -12.90
C ASN A 385 -9.72 2.03 -11.37
N HIS A 386 -8.62 1.96 -10.61
CA HIS A 386 -8.74 1.98 -9.10
C HIS A 386 -9.33 3.28 -8.54
N ASP A 387 -9.13 4.39 -9.25
CA ASP A 387 -9.67 5.70 -8.87
C ASP A 387 -11.13 5.94 -9.42
N HIS A 388 -11.77 4.89 -9.94
CA HIS A 388 -13.13 4.91 -10.39
C HIS A 388 -13.31 5.55 -11.71
N THR A 389 -12.25 6.01 -12.37
CA THR A 389 -12.44 6.65 -13.70
C THR A 389 -12.70 5.50 -14.68
N THR A 390 -13.28 5.84 -15.84
CA THR A 390 -13.53 4.81 -16.85
C THR A 390 -12.18 4.18 -17.31
N ARG A 391 -12.19 2.87 -17.47
CA ARG A 391 -11.02 2.13 -17.99
C ARG A 391 -10.71 2.58 -19.43
N GLU A 392 -9.41 2.55 -19.77
CA GLU A 392 -8.94 2.92 -21.09
C GLU A 392 -9.84 2.34 -22.14
N TYR A 393 -10.46 3.18 -22.94
CA TYR A 393 -11.55 2.76 -23.81
C TYR A 393 -11.11 1.73 -24.87
N HIS A 394 -9.88 1.81 -25.35
CA HIS A 394 -9.35 0.79 -26.26
C HIS A 394 -9.44 -0.58 -25.65
N GLU A 395 -9.20 -0.72 -24.34
CA GLU A 395 -9.25 -2.07 -23.70
C GLU A 395 -10.67 -2.62 -23.61
N ILE A 396 -11.60 -1.75 -23.28
CA ILE A 396 -13.00 -2.08 -23.29
C ILE A 396 -13.49 -2.53 -24.67
N GLU A 397 -13.12 -1.75 -25.69
CA GLU A 397 -13.33 -2.05 -27.12
C GLU A 397 -12.84 -3.42 -27.58
N ASP A 398 -11.58 -3.71 -27.31
CA ASP A 398 -10.96 -4.96 -27.73
C ASP A 398 -11.47 -6.18 -26.99
N ILE A 399 -11.73 -6.05 -25.68
CA ILE A 399 -12.37 -7.13 -24.94
C ILE A 399 -13.74 -7.38 -25.54
N TRP A 400 -14.52 -6.33 -25.66
CA TRP A 400 -15.84 -6.45 -26.30
C TRP A 400 -15.78 -7.10 -27.67
N ALA A 401 -14.86 -6.65 -28.51
CA ALA A 401 -14.63 -7.24 -29.86
C ALA A 401 -14.34 -8.70 -29.86
N LYS A 402 -13.56 -9.17 -28.87
CA LYS A 402 -13.26 -10.59 -28.74
C LYS A 402 -14.54 -11.48 -28.56
N SER A 403 -15.65 -10.91 -28.08
CA SER A 403 -16.90 -11.68 -27.93
C SER A 403 -17.98 -11.25 -28.92
N GLY A 404 -17.64 -10.40 -29.88
CA GLY A 404 -18.57 -9.97 -30.92
C GLY A 404 -19.46 -8.84 -30.51
N ILE A 405 -19.00 -8.04 -29.55
CA ILE A 405 -19.72 -6.87 -29.11
C ILE A 405 -19.05 -5.78 -29.92
N ILE A 406 -19.74 -5.31 -30.96
CA ILE A 406 -19.17 -4.42 -31.94
C ILE A 406 -20.21 -3.39 -32.31
N PRO A 407 -19.76 -2.22 -32.83
CA PRO A 407 -20.66 -1.09 -33.05
C PRO A 407 -21.69 -1.22 -34.17
N LYS A 408 -21.51 -2.15 -35.10
CA LYS A 408 -22.47 -2.30 -36.23
C LYS A 408 -23.75 -3.02 -35.76
N LYS A 409 -23.75 -3.60 -34.55
CA LYS A 409 -24.96 -4.23 -33.98
C LYS A 409 -25.79 -3.24 -33.16
N HIS A 410 -27.05 -3.60 -32.98
CA HIS A 410 -27.87 -2.92 -32.01
C HIS A 410 -27.56 -3.69 -30.77
N LEU A 411 -27.06 -3.00 -29.76
CA LEU A 411 -26.70 -3.65 -28.51
C LEU A 411 -27.56 -3.12 -27.39
N ALA A 412 -28.05 -4.01 -26.53
CA ALA A 412 -28.74 -3.65 -25.30
C ALA A 412 -27.99 -4.24 -24.12
N PHE A 413 -27.47 -3.39 -23.28
CA PHE A 413 -26.72 -3.72 -22.11
C PHE A 413 -27.63 -3.85 -20.91
N TYR A 414 -27.41 -4.87 -20.11
CA TYR A 414 -28.18 -5.14 -18.93
C TYR A 414 -27.39 -5.80 -17.83
N CYS A 415 -27.93 -5.76 -16.65
CA CYS A 415 -27.33 -6.38 -15.51
C CYS A 415 -28.52 -6.85 -14.71
N GLY A 416 -28.48 -6.73 -13.40
CA GLY A 416 -29.62 -7.09 -12.62
C GLY A 416 -30.84 -6.20 -12.70
N THR A 417 -30.69 -4.89 -12.53
CA THR A 417 -31.78 -3.91 -12.57
C THR A 417 -31.54 -2.79 -13.54
N GLY A 418 -30.35 -2.71 -14.07
CA GLY A 418 -30.02 -1.69 -15.08
C GLY A 418 -28.94 -0.67 -14.71
N TRP A 419 -28.37 -0.74 -13.50
CA TRP A 419 -27.29 0.20 -13.05
C TRP A 419 -25.94 -0.07 -13.76
N ARG A 420 -25.47 -1.31 -13.69
CA ARG A 420 -24.21 -1.65 -14.36
C ARG A 420 -24.41 -1.67 -15.86
N GLY A 421 -25.58 -2.12 -16.30
CA GLY A 421 -25.98 -1.97 -17.72
C GLY A 421 -25.79 -0.56 -18.23
N SER A 422 -26.19 0.42 -17.40
CA SER A 422 -26.04 1.83 -17.74
C SER A 422 -24.59 2.29 -17.89
N GLU A 423 -23.74 1.82 -17.02
CA GLU A 423 -22.34 2.19 -17.08
C GLU A 423 -21.67 1.65 -18.32
N ALA A 424 -22.06 0.42 -18.72
CA ALA A 424 -21.48 -0.21 -19.87
C ALA A 424 -21.96 0.52 -21.11
N TRP A 425 -23.27 0.74 -21.18
CA TRP A 425 -23.89 1.56 -22.21
C TRP A 425 -23.23 2.92 -22.36
N PHE A 426 -23.04 3.63 -21.25
CA PHE A 426 -22.41 4.95 -21.29
C PHE A 426 -21.00 4.90 -21.95
N ASN A 427 -20.27 3.83 -21.69
CA ASN A 427 -18.94 3.64 -22.26
C ASN A 427 -18.99 3.49 -23.80
N ALA A 428 -19.95 2.71 -24.25
CA ALA A 428 -20.14 2.47 -25.65
C ALA A 428 -20.56 3.74 -26.28
N LEU A 429 -21.51 4.42 -25.64
CA LEU A 429 -21.92 5.77 -26.08
C LEU A 429 -20.76 6.76 -26.23
N LEU A 430 -19.84 6.74 -25.28
CA LEU A 430 -18.71 7.65 -25.33
C LEU A 430 -17.82 7.37 -26.54
N MET A 431 -17.81 6.13 -27.02
CA MET A 431 -17.05 5.76 -28.18
C MET A 431 -17.73 6.10 -29.48
N GLY A 432 -18.94 6.65 -29.46
CA GLY A 432 -19.64 7.03 -30.68
C GLY A 432 -20.47 5.94 -31.35
N TRP A 433 -20.71 4.86 -30.59
CA TRP A 433 -21.44 3.71 -31.09
C TRP A 433 -22.87 4.09 -31.39
N PRO A 434 -23.33 3.77 -32.60
CA PRO A 434 -24.54 4.41 -33.09
C PRO A 434 -25.85 3.81 -32.58
N ARG A 435 -25.87 2.53 -32.22
CA ARG A 435 -27.10 1.93 -31.75
C ARG A 435 -26.87 1.17 -30.43
N VAL A 436 -26.71 1.91 -29.33
CA VAL A 436 -26.57 1.26 -28.03
C VAL A 436 -27.71 1.57 -27.13
N SER A 437 -28.16 0.54 -26.41
CA SER A 437 -29.29 0.65 -25.50
C SER A 437 -29.01 0.05 -24.11
N VAL A 438 -29.90 0.32 -23.17
CA VAL A 438 -29.97 -0.46 -21.92
C VAL A 438 -31.27 -1.28 -21.94
N TYR A 439 -31.18 -2.61 -21.88
CA TYR A 439 -32.37 -3.44 -21.54
C TYR A 439 -32.67 -3.30 -20.01
N ASP A 440 -33.64 -2.46 -19.66
CA ASP A 440 -33.83 -1.96 -18.29
C ASP A 440 -34.18 -3.03 -17.25
N GLY A 441 -35.17 -3.86 -17.57
CA GLY A 441 -35.66 -4.92 -16.69
C GLY A 441 -34.59 -5.83 -16.14
N GLY A 442 -33.65 -6.21 -17.02
CA GLY A 442 -32.52 -7.02 -16.64
C GLY A 442 -32.99 -8.35 -16.15
N TRP A 443 -32.13 -9.01 -15.39
CA TRP A 443 -32.38 -10.29 -14.77
C TRP A 443 -33.52 -10.27 -13.75
N PHE A 444 -33.69 -9.15 -13.06
CA PHE A 444 -34.75 -9.01 -12.12
C PHE A 444 -36.09 -9.14 -12.86
N GLU A 445 -36.30 -8.37 -13.92
CA GLU A 445 -37.56 -8.50 -14.68
C GLU A 445 -37.68 -9.90 -15.29
N TRP A 446 -36.62 -10.38 -15.95
CA TRP A 446 -36.68 -11.62 -16.72
C TRP A 446 -37.00 -12.82 -15.85
N SER A 447 -36.23 -12.98 -14.79
CA SER A 447 -36.45 -14.05 -13.79
C SER A 447 -37.78 -13.96 -12.99
N ASN A 448 -38.44 -12.79 -12.97
CA ASN A 448 -39.75 -12.61 -12.30
C ASN A 448 -40.94 -13.27 -13.05
N ASP A 449 -40.83 -13.45 -14.35
CA ASP A 449 -41.75 -14.31 -15.05
C ASP A 449 -41.18 -15.74 -15.02
N PRO A 450 -41.84 -16.67 -14.29
CA PRO A 450 -41.37 -18.06 -14.39
C PRO A 450 -41.59 -18.72 -15.79
N GLU A 451 -42.36 -18.12 -16.70
CA GLU A 451 -42.44 -18.55 -18.11
C GLU A 451 -41.10 -18.39 -18.89
N ASN A 452 -40.22 -17.50 -18.41
CA ASN A 452 -38.95 -17.19 -19.12
C ASN A 452 -37.84 -18.22 -18.90
N PRO A 453 -37.23 -18.69 -20.00
CA PRO A 453 -36.17 -19.65 -19.80
C PRO A 453 -34.90 -19.01 -19.22
N TYR A 454 -34.09 -19.85 -18.58
CA TYR A 454 -32.80 -19.46 -18.05
C TYR A 454 -31.79 -20.64 -17.98
N GLU A 455 -30.48 -20.33 -17.99
CA GLU A 455 -29.42 -21.33 -17.84
C GLU A 455 -28.80 -21.15 -16.51
N THR A 456 -28.03 -22.13 -16.08
CA THR A 456 -27.18 -22.06 -14.90
C THR A 456 -25.96 -22.99 -15.05
N GLY A 457 -25.06 -22.90 -14.08
CA GLY A 457 -23.79 -23.63 -14.10
C GLY A 457 -22.78 -23.01 -15.08
N VAL A 458 -21.56 -23.56 -15.04
CA VAL A 458 -20.44 -23.18 -15.91
C VAL A 458 -20.85 -23.41 -17.35
N PRO A 459 -20.58 -22.44 -18.24
CA PRO A 459 -21.19 -22.50 -19.58
C PRO A 459 -20.79 -23.68 -20.48
N LYS A 460 -21.68 -23.96 -21.44
CA LYS A 460 -21.44 -24.81 -22.62
C LYS A 460 -22.31 -24.30 -23.77
N MET B 33 -18.40 -5.71 14.20
CA MET B 33 -17.27 -5.96 13.25
C MET B 33 -16.99 -4.83 12.25
N TYR B 34 -17.99 -3.97 12.03
CA TYR B 34 -17.84 -2.70 11.24
C TYR B 34 -18.16 -1.39 12.03
N ASP B 35 -18.85 -1.54 13.16
CA ASP B 35 -19.37 -0.42 13.96
C ASP B 35 -18.65 -0.44 15.33
N HIS B 36 -17.41 0.05 15.34
CA HIS B 36 -16.48 -0.09 16.47
C HIS B 36 -16.68 0.99 17.50
N THR B 37 -16.82 0.61 18.76
CA THR B 37 -17.00 1.62 19.77
C THR B 37 -15.77 2.51 19.80
N GLU B 38 -16.02 3.81 19.84
CA GLU B 38 -14.96 4.79 19.95
C GLU B 38 -14.64 5.08 21.43
N ILE B 39 -13.36 5.21 21.75
CA ILE B 39 -12.98 5.67 23.08
C ILE B 39 -12.45 7.08 22.97
N THR B 40 -12.83 7.87 23.95
CA THR B 40 -12.51 9.28 23.98
C THR B 40 -11.23 9.46 24.82
N THR B 41 -10.56 10.61 24.68
CA THR B 41 -9.27 10.88 25.36
C THR B 41 -9.34 10.80 26.89
N ASP B 42 -10.40 11.37 27.47
CA ASP B 42 -10.58 11.37 28.94
C ASP B 42 -10.78 9.98 29.48
N SER B 43 -11.58 9.20 28.76
CA SER B 43 -11.82 7.82 29.09
C SER B 43 -10.51 7.04 29.08
N LEU B 44 -9.74 7.19 28.02
CA LEU B 44 -8.52 6.43 27.89
C LEU B 44 -7.54 6.79 28.98
N LEU B 45 -7.32 8.09 29.16
CA LEU B 45 -6.42 8.59 30.22
C LEU B 45 -6.79 7.98 31.59
N ALA B 46 -8.08 7.94 31.92
CA ALA B 46 -8.52 7.22 33.12
C ALA B 46 -8.21 5.69 33.16
N LEU B 47 -7.92 5.08 32.03
CA LEU B 47 -7.71 3.64 31.97
C LEU B 47 -6.25 3.19 31.84
N LEU B 48 -5.29 4.08 32.03
CA LEU B 48 -3.91 3.75 31.77
C LEU B 48 -3.32 2.76 32.77
N GLY B 49 -3.94 2.65 33.95
CA GLY B 49 -3.47 1.73 34.97
C GLY B 49 -4.18 0.38 35.07
N SER B 50 -5.23 0.15 34.27
CA SER B 50 -6.05 -1.07 34.39
C SER B 50 -5.36 -2.21 33.73
N GLU B 51 -5.25 -3.30 34.47
CA GLU B 51 -4.63 -4.51 33.99
C GLU B 51 -5.53 -5.21 33.01
N LYS B 52 -6.84 -4.97 33.14
CA LYS B 52 -7.89 -5.52 32.26
C LYS B 52 -7.90 -4.91 30.84
N VAL B 53 -7.26 -3.76 30.67
CA VAL B 53 -7.18 -3.04 29.40
C VAL B 53 -5.82 -3.19 28.75
N LYS B 54 -5.82 -3.41 27.44
CA LYS B 54 -4.62 -3.55 26.63
C LYS B 54 -4.73 -2.55 25.50
N ILE B 55 -3.70 -1.73 25.36
CA ILE B 55 -3.68 -0.60 24.43
C ILE B 55 -2.68 -0.92 23.37
N ILE B 56 -3.14 -0.90 22.13
CA ILE B 56 -2.43 -1.51 21.01
C ILE B 56 -2.14 -0.50 19.93
N ASP B 57 -0.88 -0.26 19.69
CA ASP B 57 -0.41 0.75 18.78
C ASP B 57 -0.16 -0.02 17.50
N VAL B 58 -1.00 0.27 16.49
CA VAL B 58 -0.94 -0.39 15.17
C VAL B 58 -0.05 0.32 14.15
N ARG B 59 0.78 1.26 14.59
CA ARG B 59 1.70 1.90 13.70
C ARG B 59 2.90 1.00 13.53
N SER B 60 3.83 1.36 12.64
CA SER B 60 5.09 0.64 12.55
C SER B 60 5.82 0.60 13.89
N ALA B 61 6.69 -0.39 14.02
CA ALA B 61 7.46 -0.54 15.22
C ALA B 61 8.40 0.66 15.41
N ASP B 62 8.74 1.31 14.31
CA ASP B 62 9.68 2.41 14.35
C ASP B 62 9.06 3.66 14.99
N ALA B 63 7.83 3.95 14.59
CA ALA B 63 6.99 4.95 15.22
C ALA B 63 6.85 4.67 16.71
N TYR B 64 6.47 3.44 17.03
CA TYR B 64 6.28 2.97 18.39
C TYR B 64 7.49 3.23 19.24
N ASN B 65 8.65 2.98 18.65
CA ASN B 65 9.88 3.18 19.33
C ASN B 65 10.19 4.65 19.58
N GLY B 66 9.66 5.54 18.74
CA GLY B 66 9.91 6.97 18.88
C GLY B 66 10.14 7.84 17.67
N TRP B 67 10.24 7.23 16.51
CA TRP B 67 10.43 7.97 15.27
C TRP B 67 9.18 8.78 14.99
N ARG B 68 9.38 10.09 14.78
CA ARG B 68 8.30 11.03 14.54
C ARG B 68 7.94 10.99 13.05
N MET B 69 7.30 9.89 12.64
CA MET B 69 7.13 9.51 11.20
C MET B 69 6.29 10.52 10.40
N ARG B 70 5.31 11.09 11.08
CA ARG B 70 4.39 12.09 10.54
C ARG B 70 4.78 13.55 10.93
N GLY B 71 5.98 13.78 11.46
CA GLY B 71 6.35 15.11 11.95
C GLY B 71 5.79 15.55 13.32
N GLU B 72 5.08 14.66 14.01
CA GLU B 72 4.61 14.91 15.37
C GLU B 72 5.73 15.39 16.27
N VAL B 73 5.38 16.23 17.25
CA VAL B 73 6.38 16.86 18.10
C VAL B 73 6.96 15.89 19.11
N ARG B 74 6.13 15.08 19.78
CA ARG B 74 6.60 14.02 20.66
C ARG B 74 6.29 12.73 19.93
N GLY B 75 7.31 11.87 19.77
CA GLY B 75 7.15 10.51 19.24
C GLY B 75 7.10 9.42 20.33
N GLY B 76 6.73 8.19 19.92
CA GLY B 76 6.73 7.03 20.82
C GLY B 76 5.29 6.68 20.95
N HIS B 77 4.91 6.01 22.01
CA HIS B 77 3.59 5.44 22.09
C HIS B 77 2.93 5.96 23.37
N ILE B 78 1.63 5.72 23.50
CA ILE B 78 0.92 5.96 24.72
C ILE B 78 1.51 5.08 25.78
N LYS B 79 1.70 5.62 26.98
CA LYS B 79 2.36 4.90 28.07
C LYS B 79 1.63 3.61 28.35
N GLY B 80 2.36 2.50 28.38
CA GLY B 80 1.74 1.23 28.69
C GLY B 80 1.29 0.47 27.47
N ALA B 81 1.36 1.06 26.29
CA ALA B 81 0.82 0.42 25.12
C ALA B 81 1.75 -0.65 24.58
N LYS B 82 1.15 -1.59 23.85
CA LYS B 82 1.87 -2.67 23.18
C LYS B 82 1.94 -2.37 21.67
N SER B 83 2.98 -2.90 21.04
CA SER B 83 3.17 -2.77 19.61
C SER B 83 2.63 -3.98 18.86
N LEU B 84 1.81 -3.69 17.85
CA LEU B 84 1.23 -4.68 16.94
C LEU B 84 0.95 -4.04 15.60
N PRO B 85 2.00 -3.80 14.82
CA PRO B 85 1.82 -3.16 13.51
C PRO B 85 0.72 -3.83 12.65
N ALA B 86 -0.15 -3.02 12.09
CA ALA B 86 -1.15 -3.54 11.18
C ALA B 86 -0.52 -4.24 9.96
N LYS B 87 0.67 -3.82 9.55
CA LYS B 87 1.46 -4.54 8.57
C LYS B 87 1.46 -6.08 8.78
N TRP B 88 1.40 -6.51 10.03
CA TRP B 88 1.45 -7.94 10.37
C TRP B 88 0.11 -8.62 10.13
N LEU B 89 -0.84 -7.94 9.50
CA LEU B 89 -2.13 -8.56 9.28
C LEU B 89 -2.10 -9.67 8.20
N THR B 90 -1.13 -9.59 7.31
CA THR B 90 -0.94 -10.57 6.24
C THR B 90 -0.09 -11.77 6.66
N ASP B 91 0.31 -11.81 7.92
CA ASP B 91 1.09 -12.92 8.43
C ASP B 91 0.06 -13.96 8.77
N PRO B 92 0.27 -15.20 8.30
CA PRO B 92 -0.66 -16.30 8.66
C PRO B 92 -0.70 -16.67 10.14
N GLU B 93 0.37 -16.43 10.89
CA GLU B 93 0.37 -16.68 12.33
C GLU B 93 -0.09 -15.47 13.18
N TRP B 94 -0.64 -14.42 12.54
CA TRP B 94 -1.17 -13.23 13.25
C TRP B 94 -1.78 -13.52 14.61
N LEU B 95 -2.73 -14.43 14.63
CA LEU B 95 -3.37 -14.82 15.87
C LEU B 95 -2.37 -15.38 16.90
N ASN B 96 -1.42 -16.17 16.45
CA ASN B 96 -0.45 -16.70 17.42
C ASN B 96 0.41 -15.63 18.02
N ILE B 97 0.88 -14.71 17.20
CA ILE B 97 1.59 -13.50 17.69
C ILE B 97 0.81 -12.81 18.84
N VAL B 98 -0.46 -12.59 18.62
CA VAL B 98 -1.30 -11.90 19.56
C VAL B 98 -1.40 -12.64 20.88
N ARG B 99 -1.50 -13.96 20.82
CA ARG B 99 -1.59 -14.79 22.04
C ARG B 99 -0.29 -14.83 22.79
N PHE B 100 0.82 -14.89 22.06
CA PHE B 100 2.17 -14.84 22.61
C PHE B 100 2.38 -13.48 23.33
N LYS B 101 1.70 -12.44 22.85
CA LYS B 101 1.62 -11.16 23.57
C LYS B 101 0.62 -11.07 24.70
N GLN B 102 -0.06 -12.17 25.02
CA GLN B 102 -0.99 -12.24 26.13
C GLN B 102 -2.16 -11.30 26.08
N ILE B 103 -2.57 -10.98 24.86
CA ILE B 103 -3.79 -10.24 24.62
C ILE B 103 -4.88 -11.29 24.43
N ARG B 104 -5.77 -11.37 25.42
CA ARG B 104 -6.76 -12.43 25.55
C ARG B 104 -8.18 -11.91 25.35
N PRO B 105 -9.11 -12.80 24.95
CA PRO B 105 -10.45 -12.31 24.56
C PRO B 105 -11.28 -11.59 25.64
N GLU B 106 -10.99 -11.87 26.90
CA GLU B 106 -11.66 -11.18 28.01
C GLU B 106 -11.08 -9.77 28.25
N ASP B 107 -9.90 -9.48 27.72
CA ASP B 107 -9.31 -8.15 27.83
C ASP B 107 -10.12 -7.10 27.05
N ALA B 108 -10.13 -5.87 27.58
CA ALA B 108 -10.64 -4.69 26.84
C ALA B 108 -9.52 -4.18 25.96
N ILE B 109 -9.70 -4.27 24.65
CA ILE B 109 -8.72 -3.84 23.67
C ILE B 109 -9.09 -2.42 23.29
N VAL B 110 -8.06 -1.61 23.15
CA VAL B 110 -8.18 -0.26 22.69
C VAL B 110 -7.09 -0.13 21.65
N LEU B 111 -7.48 0.15 20.41
CA LEU B 111 -6.55 0.28 19.30
C LEU B 111 -6.33 1.75 18.91
N TYR B 112 -5.10 2.10 18.53
CA TYR B 112 -4.80 3.41 18.01
C TYR B 112 -3.69 3.35 16.98
N GLY B 113 -3.71 4.34 16.10
CA GLY B 113 -2.70 4.54 15.08
C GLY B 113 -2.59 6.03 14.83
N TYR B 114 -1.92 6.39 13.76
CA TYR B 114 -1.84 7.79 13.35
C TYR B 114 -3.24 8.37 13.03
N THR B 115 -4.05 7.54 12.38
CA THR B 115 -5.46 7.81 12.13
C THR B 115 -6.31 6.60 12.63
N PRO B 116 -7.61 6.84 12.89
CA PRO B 116 -8.55 5.70 13.03
C PRO B 116 -8.83 4.86 11.74
N GLU B 117 -8.46 5.35 10.57
CA GLU B 117 -8.63 4.59 9.33
C GLU B 117 -7.71 3.40 9.43
N GLU B 118 -6.46 3.67 9.83
CA GLU B 118 -5.47 2.58 10.03
C GLU B 118 -5.79 1.46 11.04
N CYS B 119 -6.82 1.63 11.87
CA CYS B 119 -7.16 0.68 12.91
C CYS B 119 -8.33 -0.21 12.54
N GLU B 120 -9.04 0.13 11.45
CA GLU B 120 -10.30 -0.58 11.10
C GLU B 120 -10.05 -2.08 10.84
N GLN B 121 -9.12 -2.37 9.94
CA GLN B 121 -8.74 -3.77 9.65
C GLN B 121 -8.40 -4.57 10.93
N THR B 122 -7.46 -4.04 11.72
CA THR B 122 -7.02 -4.70 12.95
C THR B 122 -8.20 -4.96 13.85
N ALA B 123 -9.11 -3.99 13.96
CA ALA B 123 -10.29 -4.17 14.82
C ALA B 123 -11.24 -5.28 14.34
N THR B 124 -11.46 -5.38 13.04
CA THR B 124 -12.34 -6.42 12.46
C THR B 124 -11.70 -7.80 12.76
N ARG B 125 -10.41 -7.90 12.44
CA ARG B 125 -9.65 -9.09 12.74
C ARG B 125 -9.74 -9.51 14.21
N PHE B 126 -9.75 -8.58 15.15
CA PHE B 126 -9.84 -9.00 16.53
C PHE B 126 -11.18 -9.69 16.78
N LYS B 127 -12.27 -9.05 16.34
CA LYS B 127 -13.64 -9.57 16.57
C LYS B 127 -13.90 -10.88 15.81
N GLU B 128 -13.39 -10.97 14.58
CA GLU B 128 -13.42 -12.20 13.78
C GLU B 128 -12.86 -13.37 14.54
N ASN B 129 -11.82 -13.12 15.33
CA ASN B 129 -11.20 -14.15 16.15
C ASN B 129 -11.60 -14.09 17.60
N GLY B 130 -12.87 -13.72 17.83
CA GLY B 130 -13.50 -13.92 19.14
C GLY B 130 -13.17 -12.92 20.21
N TYR B 131 -12.66 -11.75 19.84
CA TYR B 131 -12.37 -10.69 20.81
C TYR B 131 -13.54 -9.68 20.71
N ASN B 132 -14.52 -9.79 21.60
CA ASN B 132 -15.74 -8.97 21.50
C ASN B 132 -15.54 -7.51 21.98
N ASN B 133 -14.70 -7.33 22.99
CA ASN B 133 -14.47 -6.05 23.68
C ASN B 133 -13.34 -5.20 23.08
N VAL B 134 -13.63 -4.54 21.95
CA VAL B 134 -12.64 -3.84 21.15
C VAL B 134 -13.14 -2.42 20.85
N SER B 135 -12.26 -1.44 21.09
CA SER B 135 -12.56 -0.02 20.91
C SER B 135 -11.46 0.59 20.11
N VAL B 136 -11.72 1.74 19.56
CA VAL B 136 -10.74 2.42 18.74
C VAL B 136 -10.57 3.86 19.23
N PHE B 137 -9.31 4.33 19.26
CA PHE B 137 -8.97 5.68 19.74
C PHE B 137 -8.54 6.56 18.56
N HIS B 138 -9.45 7.46 18.18
CA HIS B 138 -9.36 8.30 16.99
C HIS B 138 -8.30 9.38 17.10
N ARG B 139 -8.00 9.82 18.32
CA ARG B 139 -7.35 11.10 18.51
C ARG B 139 -5.91 10.99 19.04
N PHE B 140 -5.21 9.87 18.81
CA PHE B 140 -3.80 9.80 19.19
C PHE B 140 -2.98 10.93 18.60
N HIS B 141 -3.00 11.04 17.28
CA HIS B 141 -2.33 12.15 16.60
C HIS B 141 -3.41 13.06 16.01
N PRO B 142 -3.43 14.36 16.36
CA PRO B 142 -2.36 15.03 17.07
C PRO B 142 -2.69 15.45 18.50
N ASP B 143 -3.80 14.95 19.05
CA ASP B 143 -4.26 15.38 20.36
C ASP B 143 -3.46 14.79 21.49
N TRP B 144 -3.19 13.50 21.43
CA TRP B 144 -2.35 12.88 22.47
C TRP B 144 -0.89 13.29 22.36
N THR B 145 -0.34 13.21 21.16
CA THR B 145 1.03 13.61 20.95
C THR B 145 1.28 15.07 21.20
N GLY B 146 0.29 15.93 20.93
CA GLY B 146 0.49 17.38 20.93
C GLY B 146 0.29 18.09 22.26
N ASN B 147 -0.11 17.35 23.29
CA ASN B 147 -0.27 17.87 24.64
C ASN B 147 0.55 17.04 25.66
N ASP B 148 1.44 17.66 26.41
CA ASP B 148 2.31 16.87 27.29
C ASP B 148 1.76 16.47 28.64
N ALA B 149 0.48 16.64 28.85
CA ALA B 149 -0.18 16.07 30.00
C ALA B 149 -0.63 14.62 29.70
N PHE B 150 -0.52 14.19 28.46
CA PHE B 150 -0.88 12.84 28.10
C PHE B 150 0.39 11.99 28.09
N PRO B 151 0.45 10.94 28.95
CA PRO B 151 1.74 10.23 29.05
C PRO B 151 2.14 9.46 27.78
N MET B 152 3.40 9.62 27.39
CA MET B 152 3.99 8.85 26.33
C MET B 152 5.31 8.30 26.78
N ASP B 153 5.74 7.25 26.11
CA ASP B 153 7.02 6.59 26.34
C ASP B 153 7.68 6.25 25.00
N ARG B 154 8.99 6.11 25.01
CA ARG B 154 9.71 5.78 23.80
C ARG B 154 10.97 5.02 24.18
N LEU B 155 11.51 4.30 23.21
CA LEU B 155 12.80 3.65 23.34
C LEU B 155 13.87 4.71 23.45
N GLU B 156 14.63 4.71 24.53
CA GLU B 156 15.48 5.88 24.88
C GLU B 156 16.41 6.26 23.73
N GLN B 157 17.19 5.32 23.22
CA GLN B 157 18.17 5.61 22.17
C GLN B 157 17.64 5.19 20.79
N TYR B 158 16.36 5.43 20.53
CA TYR B 158 15.70 4.96 19.33
C TYR B 158 16.36 5.39 18.04
N ASN B 159 17.08 6.49 18.09
CA ASN B 159 17.67 7.04 16.86
C ASN B 159 18.83 6.25 16.24
N ARG B 160 19.41 5.31 17.00
CA ARG B 160 20.42 4.40 16.46
CA ARG B 160 20.41 4.38 16.49
C ARG B 160 19.76 3.25 15.66
N LEU B 161 18.44 3.08 15.78
CA LEU B 161 17.65 2.04 15.08
C LEU B 161 16.65 2.63 14.08
N VAL B 162 17.11 2.75 12.85
CA VAL B 162 16.47 3.61 11.85
C VAL B 162 15.43 2.89 11.00
N PRO B 163 14.34 3.58 10.61
CA PRO B 163 13.38 3.02 9.64
C PRO B 163 13.92 3.08 8.21
N ALA B 164 13.37 2.23 7.36
CA ALA B 164 13.59 2.29 5.87
C ALA B 164 13.54 3.70 5.34
N GLU B 165 12.44 4.39 5.67
CA GLU B 165 12.12 5.74 5.16
C GLU B 165 13.24 6.73 5.45
N TRP B 166 13.89 6.58 6.60
CA TRP B 166 14.98 7.45 7.02
C TRP B 166 16.21 7.22 6.20
N VAL B 167 16.40 5.96 5.80
CA VAL B 167 17.57 5.62 5.00
C VAL B 167 17.37 6.16 3.58
N ASN B 168 16.14 6.02 3.06
CA ASN B 168 15.77 6.58 1.75
C ASN B 168 15.99 8.11 1.72
N GLY B 169 15.45 8.84 2.72
CA GLY B 169 15.81 10.25 2.93
C GLY B 169 17.31 10.51 3.02
N LEU B 170 18.04 9.69 3.75
CA LEU B 170 19.50 9.82 3.82
C LEU B 170 20.17 9.66 2.46
N ILE B 171 19.76 8.63 1.73
CA ILE B 171 20.29 8.32 0.40
C ILE B 171 19.93 9.38 -0.63
N SER B 172 18.69 9.86 -0.56
CA SER B 172 18.14 10.86 -1.47
C SER B 172 18.49 12.33 -1.06
N GLY B 173 19.56 12.55 -0.27
CA GLY B 173 19.97 13.89 0.21
C GLY B 173 18.92 14.76 0.91
N GLU B 174 17.75 14.17 1.19
CA GLU B 174 16.60 14.88 1.76
C GLU B 174 16.93 15.22 3.21
N GLU B 175 16.15 16.14 3.75
CA GLU B 175 16.27 16.56 5.14
C GLU B 175 15.57 15.50 5.95
N ILE B 176 16.25 15.03 6.99
CA ILE B 176 15.74 13.97 7.86
C ILE B 176 16.00 14.29 9.33
N PRO B 177 15.09 13.85 10.18
CA PRO B 177 15.35 13.96 11.63
C PRO B 177 16.50 13.08 12.12
N GLU B 178 17.03 13.47 13.26
CA GLU B 178 18.01 12.70 14.02
C GLU B 178 19.20 12.51 13.15
N TYR B 179 19.54 13.57 12.43
CA TYR B 179 20.65 13.54 11.53
C TYR B 179 21.12 14.96 11.21
N ASP B 180 22.33 15.24 11.68
CA ASP B 180 22.95 16.54 11.55
C ASP B 180 24.36 16.36 11.04
N ASN B 181 24.53 15.51 10.03
CA ASN B 181 25.84 15.17 9.55
C ASN B 181 25.90 15.25 8.03
N ASP B 182 27.13 15.33 7.50
CA ASP B 182 27.39 15.46 6.03
C ASP B 182 28.03 14.25 5.30
N THR B 183 28.71 13.37 6.06
CA THR B 183 29.37 12.17 5.50
C THR B 183 28.66 10.92 6.03
N PHE B 184 28.11 10.13 5.09
CA PHE B 184 27.57 8.81 5.36
C PHE B 184 28.04 7.72 4.42
N ILE B 185 27.75 6.49 4.83
CA ILE B 185 28.00 5.27 4.09
C ILE B 185 26.92 4.24 4.51
N VAL B 186 26.34 3.54 3.55
CA VAL B 186 25.39 2.50 3.84
C VAL B 186 26.09 1.18 3.53
N CYS B 187 26.18 0.32 4.56
CA CYS B 187 26.97 -0.92 4.48
CA CYS B 187 26.97 -0.91 4.52
C CYS B 187 26.09 -2.17 4.61
N HIS B 188 26.26 -3.08 3.62
CA HIS B 188 25.55 -4.36 3.56
C HIS B 188 26.47 -5.38 4.14
N ALA B 189 26.09 -5.94 5.30
CA ALA B 189 26.94 -6.97 5.96
C ALA B 189 26.61 -8.34 5.43
N HIS B 190 27.64 -9.16 5.37
CA HIS B 190 27.45 -10.56 5.05
C HIS B 190 28.70 -11.32 5.56
N TYR B 191 28.54 -12.61 5.82
CA TYR B 191 29.70 -13.48 6.13
C TYR B 191 30.06 -14.28 4.88
N ARG B 192 31.21 -13.99 4.29
CA ARG B 192 31.71 -14.68 3.06
C ARG B 192 30.62 -15.07 2.05
N ASN B 193 29.92 -14.06 1.57
CA ASN B 193 28.75 -14.26 0.72
C ASN B 193 28.37 -12.97 -0.02
N ARG B 194 29.20 -12.56 -0.97
CA ARG B 194 28.86 -11.38 -1.79
C ARG B 194 27.50 -11.55 -2.48
N ASP B 195 27.07 -12.77 -2.80
CA ASP B 195 25.76 -12.96 -3.39
C ASP B 195 24.62 -12.30 -2.60
N ALA B 196 24.68 -12.37 -1.28
CA ALA B 196 23.70 -11.65 -0.41
C ALA B 196 23.52 -10.16 -0.80
N TYR B 197 24.60 -9.50 -1.18
CA TYR B 197 24.62 -8.13 -1.68
C TYR B 197 24.25 -8.01 -3.19
N LEU B 198 24.98 -8.71 -4.04
CA LEU B 198 24.82 -8.66 -5.48
C LEU B 198 23.46 -9.06 -5.92
N SER B 199 22.83 -9.97 -5.23
CA SER B 199 21.51 -10.41 -5.56
C SER B 199 20.45 -9.35 -5.28
N GLY B 200 20.83 -8.24 -4.67
CA GLY B 200 19.93 -7.17 -4.32
C GLY B 200 20.34 -6.43 -3.07
N HIS B 201 20.53 -5.13 -3.20
CA HIS B 201 20.98 -4.26 -2.14
C HIS B 201 20.46 -2.84 -2.22
N ILE B 202 20.54 -2.10 -1.15
CA ILE B 202 20.10 -0.72 -1.06
C ILE B 202 20.96 0.14 -1.98
N PRO B 203 20.36 1.06 -2.73
CA PRO B 203 21.13 1.82 -3.71
C PRO B 203 22.33 2.53 -3.12
N GLY B 204 23.45 2.48 -3.84
CA GLY B 204 24.69 3.14 -3.39
C GLY B 204 25.47 2.41 -2.28
N ALA B 205 24.89 1.39 -1.64
CA ALA B 205 25.55 0.73 -0.49
C ALA B 205 26.71 -0.12 -1.00
N THR B 206 27.77 -0.16 -0.19
CA THR B 206 28.91 -1.06 -0.44
C THR B 206 28.70 -2.31 0.42
N ASP B 207 29.46 -3.37 0.14
CA ASP B 207 29.30 -4.61 0.94
C ASP B 207 30.47 -4.75 1.88
N MET B 208 30.22 -5.28 3.06
CA MET B 208 31.31 -5.54 4.02
C MET B 208 31.18 -6.97 4.49
N ASP B 209 32.19 -7.76 4.21
CA ASP B 209 32.28 -9.16 4.69
C ASP B 209 32.57 -9.03 6.18
N THR B 210 31.98 -9.86 7.04
CA THR B 210 32.24 -9.79 8.51
C THR B 210 33.69 -10.16 8.86
N LEU B 211 34.41 -10.88 8.00
CA LEU B 211 35.84 -11.25 8.11
C LEU B 211 36.77 -10.02 8.03
N ALA B 212 36.29 -8.88 7.53
CA ALA B 212 37.08 -7.63 7.53
C ALA B 212 37.26 -7.16 8.97
N LEU B 213 36.30 -7.39 9.84
CA LEU B 213 36.43 -6.88 11.22
C LEU B 213 36.63 -7.95 12.31
N GLU B 214 36.43 -9.22 11.95
CA GLU B 214 36.66 -10.35 12.87
C GLU B 214 37.59 -11.44 12.27
N SER B 215 38.45 -12.01 13.12
CA SER B 215 39.47 -12.99 12.74
C SER B 215 38.89 -14.38 12.67
N PRO B 216 39.15 -15.13 11.57
CA PRO B 216 38.66 -16.51 11.55
C PRO B 216 39.41 -17.43 12.54
N GLU B 217 40.50 -16.98 13.12
CA GLU B 217 41.20 -17.79 14.10
C GLU B 217 40.56 -17.77 15.47
N THR B 218 40.13 -16.60 15.95
CA THR B 218 39.54 -16.48 17.31
C THR B 218 38.06 -16.21 17.34
N TRP B 219 37.53 -15.77 16.19
CA TRP B 219 36.20 -15.16 16.09
C TRP B 219 35.96 -13.99 17.05
N ASN B 220 37.03 -13.28 17.34
CA ASN B 220 36.95 -12.03 18.04
C ASN B 220 37.20 -10.90 17.07
N ARG B 221 36.86 -9.70 17.48
CA ARG B 221 37.24 -8.50 16.77
C ARG B 221 38.77 -8.51 16.43
N ARG B 222 39.11 -7.96 15.27
CA ARG B 222 40.50 -7.87 14.89
C ARG B 222 41.20 -6.85 15.74
N THR B 223 42.52 -6.80 15.59
CA THR B 223 43.36 -5.88 16.36
C THR B 223 43.15 -4.43 15.86
N PRO B 224 43.55 -3.45 16.67
CA PRO B 224 43.34 -2.04 16.23
C PRO B 224 43.83 -1.64 14.81
N GLU B 225 45.01 -2.09 14.35
CA GLU B 225 45.49 -1.64 13.03
C GLU B 225 44.73 -2.31 11.96
N GLU B 226 44.32 -3.54 12.20
CA GLU B 226 43.56 -4.20 11.19
C GLU B 226 42.21 -3.50 11.04
N LEU B 227 41.57 -3.21 12.18
CA LEU B 227 40.31 -2.46 12.20
C LEU B 227 40.49 -1.11 11.53
N LYS B 228 41.58 -0.43 11.87
CA LYS B 228 41.95 0.83 11.20
C LYS B 228 41.94 0.77 9.67
N LYS B 229 42.69 -0.19 9.16
CA LYS B 229 42.89 -0.32 7.72
C LYS B 229 41.60 -0.75 7.03
N ALA B 230 40.96 -1.75 7.61
CA ALA B 230 39.77 -2.30 6.98
C ALA B 230 38.71 -1.24 6.87
N LEU B 231 38.62 -0.37 7.88
CA LEU B 231 37.58 0.68 7.88
C LEU B 231 37.90 1.74 6.83
N GLU B 232 39.10 2.31 6.92
CA GLU B 232 39.63 3.20 5.88
C GLU B 232 39.38 2.61 4.47
N GLU B 233 39.64 1.31 4.29
CA GLU B 233 39.48 0.68 2.98
C GLU B 233 38.03 0.54 2.51
N HIS B 234 37.10 0.45 3.46
CA HIS B 234 35.67 0.43 3.14
C HIS B 234 35.10 1.83 3.15
N GLY B 235 35.92 2.84 3.43
CA GLY B 235 35.56 4.22 3.17
C GLY B 235 34.86 4.87 4.34
N ILE B 236 35.27 4.43 5.55
CA ILE B 236 34.62 4.82 6.78
C ILE B 236 35.61 5.57 7.65
N THR B 237 35.22 6.77 8.11
CA THR B 237 35.93 7.48 9.16
C THR B 237 35.08 7.39 10.41
N ALA B 238 35.72 7.69 11.55
CA ALA B 238 35.07 7.90 12.86
C ALA B 238 33.96 8.91 12.79
N SER B 239 34.18 9.86 11.91
CA SER B 239 33.30 10.95 11.72
C SER B 239 32.16 10.59 10.75
N THR B 240 32.28 9.49 9.99
CA THR B 240 31.22 9.03 9.07
C THR B 240 29.96 8.38 9.75
N THR B 241 28.73 8.75 9.36
CA THR B 241 27.52 8.09 9.89
C THR B 241 27.39 6.77 9.13
N VAL B 242 27.68 5.67 9.80
CA VAL B 242 27.57 4.37 9.17
C VAL B 242 26.18 3.80 9.41
N VAL B 243 25.55 3.31 8.35
CA VAL B 243 24.25 2.66 8.40
C VAL B 243 24.37 1.17 7.97
N LEU B 244 24.08 0.25 8.91
CA LEU B 244 24.32 -1.18 8.73
C LEU B 244 23.04 -1.95 8.57
N TYR B 245 23.07 -2.89 7.65
CA TYR B 245 21.97 -3.81 7.47
C TYR B 245 22.55 -5.11 6.83
N GLY B 246 21.71 -6.12 6.79
CA GLY B 246 22.05 -7.34 6.12
C GLY B 246 20.75 -8.02 5.74
N LYS B 247 20.91 -9.12 4.99
CA LYS B 247 19.77 -9.84 4.45
C LYS B 247 19.68 -11.22 5.10
N PHE B 248 18.43 -11.57 5.42
CA PHE B 248 18.09 -12.82 6.01
C PHE B 248 17.79 -13.71 4.82
N MET B 249 18.48 -14.85 4.74
CA MET B 249 18.30 -15.81 3.65
C MET B 249 18.05 -17.26 4.11
N HIS B 250 17.15 -17.44 5.09
CA HIS B 250 16.69 -18.73 5.65
C HIS B 250 17.86 -19.64 6.02
N PRO B 251 18.51 -19.31 7.13
CA PRO B 251 19.68 -20.11 7.50
C PRO B 251 19.30 -21.54 7.81
N ASP B 252 20.11 -22.45 7.27
CA ASP B 252 19.95 -23.91 7.34
C ASP B 252 21.17 -24.55 8.03
N ASN B 253 20.96 -25.24 9.13
CA ASN B 253 22.09 -25.91 9.83
C ASN B 253 22.86 -26.96 9.03
N ALA B 254 22.19 -27.56 8.04
CA ALA B 254 22.83 -28.50 7.11
C ALA B 254 24.02 -27.92 6.38
N ASP B 255 23.94 -26.65 6.00
CA ASP B 255 24.98 -26.09 5.12
C ASP B 255 26.30 -25.92 5.89
N GLU B 256 27.38 -25.72 5.14
CA GLU B 256 28.70 -25.54 5.74
C GLU B 256 28.75 -24.21 6.50
N PHE B 257 28.24 -23.15 5.88
CA PHE B 257 28.21 -21.82 6.47
C PHE B 257 26.78 -21.24 6.57
N PRO B 258 26.01 -21.67 7.57
CA PRO B 258 24.65 -21.10 7.74
C PRO B 258 24.65 -19.60 8.06
N GLY B 259 25.75 -19.10 8.61
CA GLY B 259 25.95 -17.68 8.87
C GLY B 259 25.86 -16.76 7.69
N SER B 260 26.31 -17.23 6.53
CA SER B 260 26.14 -16.54 5.25
C SER B 260 24.69 -16.23 4.91
N ALA B 261 23.77 -16.96 5.51
CA ALA B 261 22.32 -16.66 5.46
C ALA B 261 21.78 -15.68 6.55
N ALA B 262 22.54 -15.36 7.60
CA ALA B 262 22.01 -14.48 8.72
C ALA B 262 22.71 -13.15 8.67
N GLY B 263 22.41 -12.39 7.61
CA GLY B 263 23.12 -11.17 7.32
C GLY B 263 22.84 -10.05 8.32
N HIS B 264 21.60 -9.97 8.75
CA HIS B 264 21.25 -8.92 9.68
C HIS B 264 21.80 -9.06 11.10
N ILE B 265 21.95 -10.29 11.59
CA ILE B 265 22.70 -10.54 12.79
C ILE B 265 24.10 -10.03 12.58
N GLY B 266 24.70 -10.44 11.48
CA GLY B 266 26.06 -10.02 11.18
C GLY B 266 26.23 -8.50 11.15
N ALA B 267 25.22 -7.82 10.66
CA ALA B 267 25.25 -6.37 10.57
C ALA B 267 25.32 -5.71 11.96
N ILE B 268 24.50 -6.23 12.85
CA ILE B 268 24.50 -5.78 14.22
C ILE B 268 25.83 -6.13 14.87
N ARG B 269 26.40 -7.25 14.49
CA ARG B 269 27.71 -7.67 15.00
C ARG B 269 28.73 -6.66 14.61
N LEU B 270 28.64 -6.17 13.39
CA LEU B 270 29.58 -5.19 12.92
C LEU B 270 29.37 -3.80 13.50
N ALA B 271 28.12 -3.42 13.73
CA ALA B 271 27.80 -2.22 14.51
C ALA B 271 28.52 -2.24 15.83
N PHE B 272 28.37 -3.35 16.54
CA PHE B 272 29.11 -3.52 17.79
C PHE B 272 30.58 -3.16 17.58
N ILE B 273 31.21 -3.80 16.62
CA ILE B 273 32.66 -3.63 16.46
C ILE B 273 32.98 -2.20 16.07
N MET B 274 32.17 -1.63 15.18
CA MET B 274 32.35 -0.25 14.81
C MET B 274 32.18 0.73 15.98
N MET B 275 31.15 0.51 16.82
CA MET B 275 30.93 1.38 17.98
C MET B 275 32.10 1.26 18.96
N TYR B 276 32.56 0.03 19.19
CA TYR B 276 33.79 -0.25 19.96
C TYR B 276 35.00 0.48 19.43
N ALA B 277 35.24 0.31 18.14
CA ALA B 277 36.37 0.93 17.49
C ALA B 277 36.39 2.45 17.72
N GLY B 278 35.23 3.08 17.54
CA GLY B 278 35.08 4.51 17.70
C GLY B 278 34.37 5.25 16.59
N VAL B 279 33.62 4.57 15.73
CA VAL B 279 32.70 5.26 14.82
C VAL B 279 31.61 5.83 15.72
N GLU B 280 31.48 7.15 15.74
CA GLU B 280 30.61 7.87 16.69
C GLU B 280 29.13 7.64 16.38
N ASP B 281 28.76 7.71 15.10
CA ASP B 281 27.37 7.59 14.71
C ASP B 281 27.12 6.32 13.88
N VAL B 282 26.80 5.22 14.58
CA VAL B 282 26.39 4.01 13.92
C VAL B 282 24.89 3.78 14.01
N ARG B 283 24.27 3.49 12.86
CA ARG B 283 22.86 3.15 12.84
C ARG B 283 22.64 1.73 12.26
N VAL B 284 21.52 1.11 12.63
CA VAL B 284 21.12 -0.17 12.16
C VAL B 284 19.74 -0.09 11.53
N LEU B 285 19.60 -0.56 10.29
CA LEU B 285 18.29 -0.54 9.67
C LEU B 285 17.43 -1.61 10.36
N ASN B 286 16.39 -1.18 11.04
CA ASN B 286 15.53 -2.09 11.78
C ASN B 286 14.88 -3.08 10.85
N GLY B 287 15.04 -4.39 11.11
CA GLY B 287 14.55 -5.48 10.21
C GLY B 287 15.42 -5.81 8.98
N GLY B 288 16.49 -5.07 8.78
CA GLY B 288 17.45 -5.39 7.72
C GLY B 288 16.89 -5.14 6.34
N TYR B 289 17.40 -5.91 5.38
CA TYR B 289 17.04 -5.72 3.97
C TYR B 289 15.54 -5.89 3.75
N GLN B 290 14.88 -6.75 4.52
CA GLN B 290 13.47 -6.94 4.33
C GLN B 290 12.66 -5.67 4.51
N SER B 291 13.05 -4.84 5.48
CA SER B 291 12.29 -3.61 5.77
C SER B 291 12.30 -2.64 4.60
N TRP B 292 13.46 -2.50 3.99
CA TRP B 292 13.64 -1.74 2.75
C TRP B 292 12.71 -2.15 1.64
N THR B 293 12.39 -3.43 1.52
CA THR B 293 11.58 -3.94 0.42
C THR B 293 10.13 -4.06 0.78
N ASP B 294 9.82 -4.42 2.03
CA ASP B 294 8.46 -4.31 2.56
C ASP B 294 7.94 -2.89 2.33
N ALA B 295 8.78 -1.90 2.61
CA ALA B 295 8.47 -0.50 2.34
C ALA B 295 8.21 -0.20 0.87
N GLY B 296 8.62 -1.10 -0.03
CA GLY B 296 8.47 -0.94 -1.45
C GLY B 296 9.54 -0.09 -2.13
N PHE B 297 10.65 0.21 -1.48
CA PHE B 297 11.73 0.97 -2.15
C PHE B 297 12.54 0.09 -3.14
N ALA B 298 13.38 0.75 -3.91
CA ALA B 298 13.99 0.14 -5.06
C ALA B 298 15.33 -0.43 -4.68
N ILE B 299 15.67 -1.51 -5.39
CA ILE B 299 16.86 -2.30 -5.11
C ILE B 299 17.84 -2.31 -6.30
N SER B 300 19.12 -2.19 -6.01
CA SER B 300 20.16 -2.17 -7.00
C SER B 300 20.87 -3.52 -7.01
N LYS B 301 21.54 -3.83 -8.13
CA LYS B 301 22.41 -4.98 -8.24
C LYS B 301 23.82 -4.60 -8.68
N ASP B 302 24.18 -3.33 -8.60
CA ASP B 302 25.51 -2.95 -9.03
C ASP B 302 26.52 -3.40 -7.99
N ASP B 303 27.73 -3.68 -8.44
CA ASP B 303 28.80 -3.94 -7.54
C ASP B 303 29.50 -2.62 -7.36
N VAL B 304 29.16 -1.96 -6.27
CA VAL B 304 29.56 -0.57 -6.08
C VAL B 304 31.00 -0.62 -5.59
N PRO B 305 31.93 0.06 -6.29
CA PRO B 305 33.30 0.01 -5.73
C PRO B 305 33.40 0.82 -4.46
N LYS B 306 34.46 0.57 -3.73
CA LYS B 306 34.67 1.25 -2.48
C LYS B 306 35.34 2.55 -2.80
N THR B 307 34.97 3.57 -2.06
CA THR B 307 35.74 4.79 -2.01
C THR B 307 36.57 4.76 -0.75
N THR B 308 37.87 4.57 -0.84
CA THR B 308 38.69 4.53 0.38
C THR B 308 38.79 5.90 0.97
N VAL B 309 39.07 5.97 2.25
CA VAL B 309 39.52 7.20 2.87
C VAL B 309 40.93 6.97 3.43
N PRO B 310 41.67 8.03 3.66
CA PRO B 310 43.05 7.86 4.10
C PRO B 310 43.25 7.68 5.60
N GLU B 311 42.36 8.27 6.40
CA GLU B 311 42.56 8.33 7.84
C GLU B 311 41.26 8.15 8.55
N PHE B 312 41.26 7.23 9.51
CA PHE B 312 40.06 6.89 10.28
C PHE B 312 39.71 8.07 11.15
N GLY B 313 40.74 8.57 11.84
CA GLY B 313 40.70 9.83 12.52
C GLY B 313 40.50 9.77 14.01
N ALA B 314 40.56 8.57 14.60
CA ALA B 314 40.34 8.41 16.05
C ALA B 314 41.16 7.25 16.53
N PRO B 315 41.65 7.32 17.77
CA PRO B 315 42.36 6.16 18.27
C PRO B 315 41.41 4.98 18.42
N ILE B 316 41.89 3.78 18.06
CA ILE B 316 41.09 2.58 18.18
C ILE B 316 41.68 1.72 19.30
N PRO B 317 40.83 1.24 20.23
CA PRO B 317 39.40 1.48 20.27
C PRO B 317 39.09 2.71 21.13
N SER B 318 38.17 3.55 20.67
CA SER B 318 37.69 4.68 21.45
C SER B 318 36.70 4.28 22.53
N ARG B 319 36.01 3.13 22.38
CA ARG B 319 35.00 2.68 23.35
C ARG B 319 35.32 1.25 23.80
N PRO B 320 36.46 1.07 24.48
CA PRO B 320 36.86 -0.27 24.96
C PRO B 320 35.88 -0.90 25.99
N GLU B 321 35.15 -0.05 26.71
CA GLU B 321 34.14 -0.52 27.66
C GLU B 321 33.12 -1.48 27.04
N PHE B 322 32.87 -1.34 25.73
CA PHE B 322 31.90 -2.20 25.07
C PHE B 322 32.35 -3.65 24.91
N ALA B 323 33.64 -3.90 24.97
CA ALA B 323 34.20 -5.25 24.75
C ALA B 323 34.79 -5.85 26.04
N VAL B 324 34.39 -7.08 26.34
CA VAL B 324 34.92 -7.78 27.47
C VAL B 324 35.66 -9.02 26.98
N ASP B 325 36.81 -9.26 27.60
CA ASP B 325 37.59 -10.48 27.36
C ASP B 325 37.58 -11.40 28.56
N ILE B 326 38.18 -12.57 28.40
CA ILE B 326 37.88 -13.69 29.27
C ILE B 326 38.28 -13.41 30.72
N ASP B 327 39.37 -12.68 30.93
CA ASP B 327 39.79 -12.32 32.27
C ASP B 327 38.74 -11.45 32.92
N GLU B 328 38.42 -10.32 32.28
CA GLU B 328 37.38 -9.46 32.82
C GLU B 328 36.05 -10.21 33.01
N ALA B 329 35.72 -11.16 32.10
CA ALA B 329 34.51 -11.97 32.22
C ALA B 329 34.48 -12.86 33.45
N LYS B 330 35.64 -13.45 33.76
CA LYS B 330 35.81 -14.26 34.97
C LYS B 330 35.58 -13.46 36.27
N GLU B 331 36.17 -12.27 36.35
CA GLU B 331 35.91 -11.34 37.44
C GLU B 331 34.43 -11.03 37.58
N MET B 332 33.77 -10.78 36.44
CA MET B 332 32.34 -10.48 36.42
C MET B 332 31.50 -11.60 36.98
N LEU B 333 31.92 -12.85 36.76
CA LEU B 333 31.23 -13.98 37.41
C LEU B 333 31.40 -13.95 38.92
N GLN B 334 32.58 -13.59 39.41
CA GLN B 334 32.84 -13.56 40.85
C GLN B 334 32.49 -12.19 41.40
N SER B 335 31.39 -11.59 40.96
CA SER B 335 31.11 -10.22 41.35
C SER B 335 29.62 -9.90 41.33
N GLU B 336 29.20 -9.22 42.38
CA GLU B 336 27.79 -8.94 42.67
C GLU B 336 27.30 -7.83 41.76
N ASP B 337 28.22 -6.97 41.36
CA ASP B 337 27.92 -5.83 40.51
C ASP B 337 27.65 -6.20 39.03
N SER B 338 27.80 -7.50 38.69
CA SER B 338 28.09 -7.89 37.33
C SER B 338 27.57 -9.26 36.98
N ASP B 339 27.27 -9.44 35.68
CA ASP B 339 26.76 -10.68 35.16
C ASP B 339 27.14 -10.89 33.68
N LEU B 340 27.25 -12.16 33.35
CA LEU B 340 27.41 -12.63 32.02
C LEU B 340 26.05 -13.14 31.62
N VAL B 341 25.69 -12.88 30.37
CA VAL B 341 24.35 -13.22 29.88
C VAL B 341 24.52 -14.12 28.68
N CYS B 342 23.99 -15.33 28.83
CA CYS B 342 24.10 -16.36 27.83
C CYS B 342 22.95 -16.23 26.85
N VAL B 343 23.29 -15.88 25.60
CA VAL B 343 22.33 -15.68 24.52
C VAL B 343 22.48 -16.79 23.51
N ARG B 344 22.24 -18.01 23.96
CA ARG B 344 22.31 -19.20 23.13
C ARG B 344 20.99 -19.86 23.13
N SER B 345 20.83 -20.83 22.24
CA SER B 345 19.60 -21.63 22.18
C SER B 345 19.54 -22.58 23.37
N TYR B 346 18.37 -23.17 23.59
CA TYR B 346 18.22 -24.11 24.69
C TYR B 346 19.01 -25.40 24.44
N PRO B 347 18.86 -26.03 23.25
CA PRO B 347 19.71 -27.18 22.95
C PRO B 347 21.21 -26.98 23.26
N GLU B 348 21.77 -25.80 23.00
CA GLU B 348 23.15 -25.53 23.36
C GLU B 348 23.35 -25.37 24.86
N TYR B 349 22.41 -24.65 25.48
CA TYR B 349 22.47 -24.37 26.93
C TYR B 349 22.66 -25.62 27.77
N ILE B 350 21.85 -26.64 27.47
CA ILE B 350 21.88 -27.97 28.11
C ILE B 350 22.93 -28.95 27.56
N GLY B 351 23.84 -28.51 26.68
CA GLY B 351 24.94 -29.33 26.17
C GLY B 351 24.59 -30.46 25.21
N GLU B 352 23.39 -30.42 24.65
CA GLU B 352 22.90 -31.37 23.66
C GLU B 352 23.52 -31.13 22.25
N VAL B 353 23.78 -29.86 21.89
CA VAL B 353 24.59 -29.51 20.69
C VAL B 353 25.57 -28.44 21.06
N SER B 354 26.59 -28.32 20.24
CA SER B 354 27.63 -27.31 20.39
C SER B 354 27.17 -25.95 19.85
N GLY B 355 26.34 -25.98 18.81
CA GLY B 355 25.72 -24.78 18.26
C GLY B 355 26.30 -24.42 16.92
N ALA B 356 27.57 -24.74 16.71
CA ALA B 356 28.18 -24.50 15.43
C ALA B 356 29.13 -25.64 15.09
N ASN B 357 29.32 -25.82 13.79
CA ASN B 357 30.11 -26.93 13.26
C ASN B 357 31.66 -26.79 13.40
N TYR B 358 32.14 -25.74 14.05
CA TYR B 358 33.56 -25.55 14.30
C TYR B 358 33.83 -25.43 15.81
N ILE B 359 32.83 -25.73 16.61
CA ILE B 359 32.99 -25.70 18.06
C ILE B 359 32.80 -27.14 18.48
N LYS B 360 33.79 -27.66 19.18
CA LYS B 360 33.88 -29.09 19.42
C LYS B 360 33.13 -29.46 20.70
N LYS B 361 33.42 -28.72 21.78
CA LYS B 361 32.85 -29.01 23.09
C LYS B 361 31.43 -28.46 23.28
N LYS B 362 30.65 -29.19 24.07
CA LYS B 362 29.26 -28.88 24.40
C LYS B 362 29.17 -28.58 25.87
N GLY B 363 28.16 -27.78 26.23
CA GLY B 363 28.04 -27.25 27.60
C GLY B 363 27.87 -25.75 27.70
N ARG B 364 28.02 -25.23 28.91
CA ARG B 364 27.74 -23.83 29.22
C ARG B 364 28.73 -23.28 30.23
N ILE B 365 28.82 -21.95 30.28
CA ILE B 365 29.68 -21.28 31.25
C ILE B 365 28.93 -21.28 32.59
N PRO B 366 29.58 -21.79 33.65
CA PRO B 366 28.85 -21.92 34.90
C PRO B 366 28.66 -20.54 35.53
N GLY B 367 27.46 -20.31 36.08
CA GLY B 367 27.16 -18.98 36.68
C GLY B 367 26.64 -17.82 35.81
N ALA B 368 26.58 -17.97 34.49
CA ALA B 368 25.94 -16.97 33.61
C ALA B 368 24.43 -17.04 33.74
N ILE B 369 23.74 -15.95 33.43
CA ILE B 369 22.27 -15.93 33.33
C ILE B 369 21.81 -16.23 31.88
N PHE B 370 20.94 -17.22 31.75
CA PHE B 370 20.43 -17.66 30.46
C PHE B 370 19.37 -16.71 29.91
N ALA B 371 19.52 -16.30 28.65
CA ALA B 371 18.56 -15.44 27.97
C ALA B 371 18.36 -15.93 26.54
N GLU B 372 17.69 -17.08 26.48
CA GLU B 372 17.44 -17.86 25.26
C GLU B 372 17.24 -16.98 24.00
N CYS B 373 18.13 -17.20 23.03
CA CYS B 373 18.14 -16.46 21.77
C CYS B 373 16.92 -16.77 20.89
N GLY B 374 16.56 -18.05 20.87
CA GLY B 374 15.69 -18.62 19.85
C GLY B 374 16.05 -20.08 19.57
N SER B 375 15.73 -20.53 18.37
CA SER B 375 15.78 -21.95 17.97
C SER B 375 17.22 -22.53 17.87
N ASP B 376 18.16 -21.74 17.34
CA ASP B 376 19.55 -22.20 17.09
C ASP B 376 20.56 -21.01 16.98
N ALA B 377 21.77 -21.21 16.47
CA ALA B 377 22.80 -20.16 16.51
C ALA B 377 22.64 -19.09 15.45
N TYR B 378 21.71 -19.33 14.53
CA TYR B 378 21.52 -18.52 13.36
C TYR B 378 20.18 -17.79 13.32
N HIS B 379 19.33 -17.98 14.35
CA HIS B 379 17.97 -17.43 14.43
C HIS B 379 17.77 -16.74 15.84
N MET B 380 17.13 -15.57 15.87
CA MET B 380 16.98 -14.75 17.10
C MET B 380 15.51 -14.54 17.46
N GLU B 381 14.70 -15.58 17.38
CA GLU B 381 13.23 -15.39 17.46
C GLU B 381 12.72 -14.77 18.77
N ASN B 382 13.47 -14.92 19.84
CA ASN B 382 13.05 -14.30 21.09
C ASN B 382 13.43 -12.84 21.18
N TYR B 383 14.25 -12.34 20.27
CA TYR B 383 14.60 -10.90 20.25
C TYR B 383 14.06 -10.13 19.01
N ARG B 384 13.12 -10.75 18.30
CA ARG B 384 12.73 -10.31 16.97
C ARG B 384 11.28 -10.67 16.74
N ASN B 385 10.63 -9.93 15.83
CA ASN B 385 9.32 -10.28 15.30
C ASN B 385 9.55 -11.10 14.05
N HIS B 386 8.45 -11.54 13.40
CA HIS B 386 8.57 -12.41 12.21
C HIS B 386 9.20 -11.70 11.05
N ASP B 387 8.99 -10.38 10.95
CA ASP B 387 9.68 -9.54 9.93
C ASP B 387 11.12 -9.16 10.25
N HIS B 388 11.69 -9.67 11.34
CA HIS B 388 13.10 -9.47 11.73
C HIS B 388 13.35 -8.16 12.40
N THR B 389 12.35 -7.30 12.51
CA THR B 389 12.52 -6.10 13.37
C THR B 389 12.74 -6.51 14.84
N THR B 390 13.42 -5.64 15.61
CA THR B 390 13.63 -5.95 17.03
C THR B 390 12.30 -6.09 17.76
N ARG B 391 12.29 -6.97 18.75
CA ARG B 391 11.07 -7.24 19.50
C ARG B 391 10.72 -6.04 20.37
N GLU B 392 9.42 -5.91 20.64
CA GLU B 392 8.88 -4.89 21.55
C GLU B 392 9.79 -4.77 22.75
N TYR B 393 10.45 -3.64 22.88
CA TYR B 393 11.52 -3.48 23.85
C TYR B 393 11.08 -3.71 25.28
N HIS B 394 9.81 -3.45 25.58
CA HIS B 394 9.23 -3.74 26.87
C HIS B 394 9.21 -5.24 27.15
N GLU B 395 8.86 -6.07 26.16
CA GLU B 395 8.87 -7.53 26.32
C GLU B 395 10.28 -8.03 26.64
N ILE B 396 11.26 -7.53 25.90
CA ILE B 396 12.65 -7.86 26.15
C ILE B 396 13.07 -7.41 27.55
N GLU B 397 12.70 -6.18 27.91
CA GLU B 397 13.04 -5.61 29.22
C GLU B 397 12.49 -6.48 30.34
N ASP B 398 11.23 -6.88 30.20
CA ASP B 398 10.51 -7.65 31.23
C ASP B 398 10.96 -9.11 31.31
N ILE B 399 11.28 -9.76 30.17
CA ILE B 399 11.87 -11.12 30.23
C ILE B 399 13.17 -11.07 31.00
N TRP B 400 14.08 -10.21 30.57
CA TRP B 400 15.35 -10.01 31.29
C TRP B 400 15.26 -9.68 32.80
N ALA B 401 14.23 -8.91 33.17
CA ALA B 401 13.98 -8.56 34.57
C ALA B 401 13.51 -9.77 35.37
N LYS B 402 12.73 -10.65 34.78
CA LYS B 402 12.38 -11.86 35.45
C LYS B 402 13.65 -12.65 35.86
N SER B 403 14.81 -12.49 35.17
CA SER B 403 16.04 -13.27 35.53
C SER B 403 17.14 -12.48 36.18
N GLY B 404 16.91 -11.20 36.48
CA GLY B 404 17.92 -10.36 37.12
C GLY B 404 18.87 -9.68 36.18
N ILE B 405 18.49 -9.62 34.90
CA ILE B 405 19.24 -8.86 33.92
C ILE B 405 18.63 -7.45 33.93
N ILE B 406 19.39 -6.48 34.44
CA ILE B 406 18.85 -5.15 34.78
C ILE B 406 19.91 -4.13 34.62
N PRO B 407 19.52 -2.85 34.49
CA PRO B 407 20.50 -1.87 34.08
C PRO B 407 21.51 -1.40 35.11
N LYS B 408 21.26 -1.63 36.41
CA LYS B 408 22.20 -1.18 37.46
C LYS B 408 23.48 -2.02 37.51
N LYS B 409 23.47 -3.18 36.84
CA LYS B 409 24.62 -4.04 36.67
C LYS B 409 25.45 -3.77 35.40
N HIS B 410 26.73 -4.13 35.48
CA HIS B 410 27.60 -4.22 34.32
C HIS B 410 27.35 -5.60 33.74
N LEU B 411 26.79 -5.62 32.53
CA LEU B 411 26.40 -6.87 31.88
C LEU B 411 27.25 -7.13 30.67
N ALA B 412 27.64 -8.38 30.49
CA ALA B 412 28.36 -8.81 29.34
C ALA B 412 27.63 -9.94 28.62
N PHE B 413 27.03 -9.62 27.48
CA PHE B 413 26.29 -10.56 26.66
C PHE B 413 27.20 -11.38 25.78
N TYR B 414 26.90 -12.65 25.63
CA TYR B 414 27.71 -13.53 24.86
C TYR B 414 26.90 -14.66 24.28
N CYS B 415 27.51 -15.37 23.35
CA CYS B 415 26.94 -16.51 22.68
C CYS B 415 28.14 -17.36 22.25
N GLY B 416 28.06 -17.99 21.09
CA GLY B 416 29.19 -18.74 20.59
C GLY B 416 30.41 -17.94 20.18
N THR B 417 30.25 -16.90 19.40
CA THR B 417 31.37 -16.09 18.93
C THR B 417 31.24 -14.60 19.08
N GLY B 418 30.06 -14.19 19.45
CA GLY B 418 29.74 -12.78 19.70
C GLY B 418 28.62 -12.18 18.86
N TRP B 419 28.11 -12.93 17.89
CA TRP B 419 27.07 -12.41 16.97
C TRP B 419 25.68 -12.22 17.66
N ARG B 420 25.17 -13.25 18.30
CA ARG B 420 23.90 -13.14 19.02
C ARG B 420 24.04 -12.24 20.24
N GLY B 421 25.16 -12.39 20.94
CA GLY B 421 25.47 -11.49 22.02
C GLY B 421 25.46 -10.02 21.62
N SER B 422 26.01 -9.74 20.43
CA SER B 422 26.00 -8.40 19.86
C SER B 422 24.59 -7.88 19.61
N GLU B 423 23.68 -8.73 19.15
CA GLU B 423 22.28 -8.33 18.98
C GLU B 423 21.56 -8.01 20.30
N ALA B 424 21.75 -8.85 21.31
CA ALA B 424 21.21 -8.56 22.62
C ALA B 424 21.78 -7.27 23.21
N TRP B 425 23.11 -7.13 23.15
CA TRP B 425 23.81 -5.96 23.62
C TRP B 425 23.16 -4.71 23.00
N PHE B 426 22.95 -4.74 21.69
CA PHE B 426 22.38 -3.62 20.98
C PHE B 426 20.99 -3.29 21.47
N ASN B 427 20.19 -4.29 21.71
CA ASN B 427 18.88 -4.09 22.30
C ASN B 427 18.92 -3.38 23.64
N ALA B 428 19.95 -3.64 24.46
CA ALA B 428 20.13 -2.95 25.75
C ALA B 428 20.68 -1.56 25.61
N LEU B 429 21.66 -1.41 24.73
CA LEU B 429 22.15 -0.07 24.35
C LEU B 429 20.97 0.82 23.92
N LEU B 430 20.06 0.28 23.11
CA LEU B 430 18.91 1.05 22.64
C LEU B 430 17.99 1.55 23.77
N MET B 431 17.97 0.82 24.91
CA MET B 431 17.21 1.21 26.08
C MET B 431 18.02 2.13 27.00
N GLY B 432 19.24 2.47 26.64
CA GLY B 432 20.07 3.36 27.41
C GLY B 432 20.72 2.74 28.64
N TRP B 433 20.87 1.42 28.67
CA TRP B 433 21.48 0.78 29.84
C TRP B 433 22.93 1.26 29.89
N PRO B 434 23.42 1.69 31.07
CA PRO B 434 24.68 2.47 31.05
C PRO B 434 25.98 1.66 31.01
N ARG B 435 25.95 0.38 31.33
CA ARG B 435 27.16 -0.42 31.38
C ARG B 435 26.82 -1.76 30.77
N VAL B 436 26.78 -1.80 29.44
CA VAL B 436 26.51 -3.06 28.72
C VAL B 436 27.60 -3.35 27.72
N SER B 437 27.95 -4.61 27.60
CA SER B 437 29.14 -5.04 26.90
C SER B 437 28.89 -6.33 26.23
N VAL B 438 29.84 -6.71 25.38
CA VAL B 438 29.85 -8.07 24.78
C VAL B 438 31.10 -8.77 25.26
N TYR B 439 30.96 -9.93 25.92
CA TYR B 439 32.12 -10.83 26.15
C TYR B 439 32.42 -11.54 24.79
N ASP B 440 33.36 -10.98 24.03
CA ASP B 440 33.62 -11.40 22.65
C ASP B 440 33.85 -12.93 22.46
N GLY B 441 34.76 -13.50 23.26
CA GLY B 441 35.23 -14.90 23.09
C GLY B 441 34.13 -15.95 23.10
N GLY B 442 33.21 -15.77 24.05
CA GLY B 442 32.04 -16.56 24.17
C GLY B 442 32.37 -17.99 24.53
N TRP B 443 31.45 -18.89 24.20
CA TRP B 443 31.62 -20.31 24.43
C TRP B 443 32.74 -20.88 23.60
N PHE B 444 32.93 -20.39 22.38
CA PHE B 444 34.04 -20.85 21.55
C PHE B 444 35.34 -20.65 22.32
N GLU B 445 35.63 -19.42 22.75
CA GLU B 445 36.88 -19.19 23.47
C GLU B 445 36.97 -19.98 24.77
N TRP B 446 35.90 -19.97 25.54
CA TRP B 446 35.87 -20.56 26.86
C TRP B 446 36.11 -22.05 26.77
N SER B 447 35.32 -22.72 25.95
CA SER B 447 35.38 -24.17 25.85
C SER B 447 36.72 -24.68 25.27
N ASN B 448 37.35 -23.86 24.42
CA ASN B 448 38.70 -24.14 23.85
C ASN B 448 39.83 -24.18 24.88
N ASP B 449 39.62 -23.71 26.11
CA ASP B 449 40.62 -23.91 27.16
C ASP B 449 40.13 -25.01 28.10
N PRO B 450 40.76 -26.22 28.09
CA PRO B 450 40.21 -27.33 28.89
C PRO B 450 40.34 -27.15 30.42
N GLU B 451 41.16 -26.20 30.90
CA GLU B 451 41.16 -25.74 32.33
C GLU B 451 39.83 -25.11 32.83
N ASN B 452 39.09 -24.50 31.91
CA ASN B 452 37.91 -23.71 32.29
C ASN B 452 36.75 -24.63 32.62
N PRO B 453 36.08 -24.36 33.73
CA PRO B 453 34.96 -25.21 34.10
C PRO B 453 33.77 -25.01 33.19
N TYR B 454 32.98 -26.07 33.04
CA TYR B 454 31.71 -26.00 32.36
C TYR B 454 30.64 -26.93 32.99
N GLU B 455 29.35 -26.69 32.73
CA GLU B 455 28.23 -27.60 33.11
C GLU B 455 27.59 -28.16 31.87
N THR B 456 26.78 -29.22 32.05
CA THR B 456 25.97 -29.81 30.96
C THR B 456 24.66 -30.37 31.52
N GLY B 457 23.79 -30.84 30.63
CA GLY B 457 22.52 -31.44 31.02
C GLY B 457 21.49 -30.45 31.55
N VAL B 458 20.23 -30.91 31.60
CA VAL B 458 19.09 -30.10 32.04
C VAL B 458 19.39 -29.59 33.47
N PRO B 459 19.24 -28.26 33.74
CA PRO B 459 19.70 -27.70 35.05
C PRO B 459 18.99 -28.24 36.30
N LYS B 460 19.65 -28.08 37.46
CA LYS B 460 19.12 -28.52 38.76
C LYS B 460 19.37 -27.44 39.82
C01 DV6 C . -32.15 -0.69 -8.08
C03 DV6 C . -32.26 -1.31 -5.75
C04 DV6 C . -31.21 0.85 -6.46
C05 DV6 C . -30.10 -1.41 -7.10
C06 DV6 C . -29.41 -1.86 -5.75
C09 DV6 C . -29.01 -0.72 -7.89
C10 DV6 C . -28.05 -1.65 -8.43
C13 DV6 C . -27.60 -3.73 -8.93
N02 DV6 C . -31.38 -0.63 -6.85
O07 DV6 C . -29.09 -0.92 -4.95
O08 DV6 C . -29.21 -3.10 -5.61
C11 DV6 C . -26.66 -1.80 -8.20
N12 DV6 C . -26.32 -2.97 -8.97
S14 DV6 C . -27.83 -5.05 -10.32
S15 DV6 C . -27.48 -3.88 -12.12
N23 DV6 C . -28.47 -2.68 -9.22
MG MG D . -34.43 -1.89 -14.59
CL CL E . -27.93 -12.81 -17.23
C1 GOL F . 1.64 -0.07 -31.22
O1 GOL F . 1.42 -0.44 -32.57
C2 GOL F . 3.10 -0.25 -30.89
O2 GOL F . 3.23 -1.19 -29.83
C3 GOL F . 3.68 1.09 -30.48
O3 GOL F . 4.47 1.66 -31.53
N1 IMD G . -9.54 24.22 -19.04
C2 IMD G . -9.51 22.93 -19.47
N3 IMD G . -10.29 22.17 -18.66
C4 IMD G . -10.82 22.99 -17.72
C5 IMD G . -10.35 24.28 -17.97
ZN ZN H . -6.49 5.58 -29.33
BR BR I . -19.58 3.76 -7.26
C1 PEG J . -1.12 0.22 -30.60
O1 PEG J . -0.91 -0.83 -31.52
C2 PEG J . -1.38 -0.33 -29.21
O2 PEG J . -2.55 0.26 -28.73
C3 PEG J . -3.13 -0.44 -27.65
C4 PEG J . -4.45 0.21 -27.29
O4 PEG J . -4.23 1.34 -26.46
C01 DV6 K . 31.88 -15.98 13.37
C03 DV6 K . 32.01 -17.95 11.91
C04 DV6 K . 31.00 -15.82 11.12
C05 DV6 K . 29.80 -17.29 12.96
C06 DV6 K . 29.13 -18.47 12.11
C09 DV6 K . 28.70 -16.26 13.22
C10 DV6 K . 27.63 -16.69 14.08
C13 DV6 K . 26.84 -17.99 15.68
N02 DV6 K . 31.11 -16.77 12.32
O07 DV6 K . 28.60 -18.14 10.99
O08 DV6 K . 29.09 -19.62 12.64
C11 DV6 K . 26.24 -16.81 13.83
N12 DV6 K . 25.68 -17.33 15.03
S14 DV6 K . 26.77 -18.00 17.61
S15 DV6 K . 27.26 -16.11 18.52
N23 DV6 K . 27.90 -17.13 15.33
CL CL L . 32.27 -14.26 -1.07
MG MG M . 34.26 -13.58 19.61
CL CL N . 26.96 -20.79 27.79
C1 EDO O . 7.90 -4.34 17.66
O1 EDO O . 9.17 -3.72 18.21
C2 EDO O . 6.89 -5.19 18.50
O2 EDO O . 7.01 -6.66 18.90
C1 EDO P . 4.01 3.99 10.62
O1 EDO P . 5.07 4.78 10.08
C2 EDO P . 2.66 4.24 9.98
O2 EDO P . 1.60 3.55 10.66
N1 IMD Q . 12.24 9.81 8.31
C2 IMD Q . 11.81 10.64 7.33
N3 IMD Q . 10.53 10.98 7.59
C4 IMD Q . 10.16 10.39 8.74
C5 IMD Q . 11.24 9.65 9.20
ZN ZN R . 6.45 2.23 26.68
BR BR S . 19.48 -12.34 9.93
#